data_3AJX
#
_entry.id   3AJX
#
_cell.length_a   65.043
_cell.length_b   57.354
_cell.length_c   113.623
_cell.angle_alpha   90.00
_cell.angle_beta   90.69
_cell.angle_gamma   90.00
#
_symmetry.space_group_name_H-M   'P 1 21 1'
#
loop_
_entity.id
_entity.type
_entity.pdbx_description
1 polymer '3-hexulose-6-phosphate synthase'
2 non-polymer 'CHLORIDE ION'
3 non-polymer 'MAGNESIUM ION'
4 non-polymer 'SULFATE ION'
5 water water
#
_entity_poly.entity_id   1
_entity_poly.type   'polypeptide(L)'
_entity_poly.pdbx_seq_one_letter_code
;MKLQVAIDLLSTEAALELAGKVAEYVDIIELGTPLIKAEGLSVITAVKKAHPDKIVFADMKTMDAGELEADIAFKAGADL
VTVLGSADDSTIAGAVKAAQAHNKGVVVDLIGIEDKATRAQEVRALGAKFVEMHAGLDEQAKPGFDLNGLLAAGEKARVP
FSVAGGVKVATIPAVQKAGAEVAVAGGAIYGAADPAAAAKELRAAIA
;
_entity_poly.pdbx_strand_id   A,B,C,D
#
# COMPACT_ATOMS: atom_id res chain seq x y z
N MET A 1 2.10 -21.74 14.27
CA MET A 1 1.54 -20.35 14.23
C MET A 1 1.00 -20.02 12.85
N LYS A 2 -0.18 -19.40 12.83
CA LYS A 2 -0.81 -19.01 11.57
C LYS A 2 -0.49 -17.57 11.21
N LEU A 3 -0.74 -17.22 9.95
CA LEU A 3 -0.49 -15.87 9.47
C LEU A 3 -1.80 -15.23 9.06
N GLN A 4 -2.04 -14.02 9.55
CA GLN A 4 -3.26 -13.28 9.24
C GLN A 4 -2.95 -11.95 8.56
N VAL A 5 -3.63 -11.67 7.46
CA VAL A 5 -3.43 -10.39 6.78
C VAL A 5 -4.54 -9.42 7.20
N ALA A 6 -4.13 -8.27 7.71
CA ALA A 6 -5.10 -7.25 8.13
C ALA A 6 -5.32 -6.28 6.97
N ILE A 7 -6.44 -6.46 6.27
CA ILE A 7 -6.76 -5.58 5.15
C ILE A 7 -7.43 -4.32 5.67
N ASP A 8 -6.61 -3.35 6.08
CA ASP A 8 -7.11 -2.09 6.60
C ASP A 8 -7.19 -1.05 5.50
N LEU A 9 -7.89 -1.41 4.43
CA LEU A 9 -8.07 -0.52 3.28
C LEU A 9 -9.48 0.08 3.32
N LEU A 10 -9.83 0.84 2.28
CA LEU A 10 -11.14 1.50 2.29
C LEU A 10 -12.16 1.12 1.22
N SER A 11 -11.86 0.15 0.37
CA SER A 11 -12.82 -0.25 -0.65
C SER A 11 -12.83 -1.75 -0.87
N THR A 12 -13.99 -2.27 -1.25
CA THR A 12 -14.16 -3.69 -1.50
C THR A 12 -13.26 -4.10 -2.68
N GLU A 13 -13.18 -3.24 -3.68
CA GLU A 13 -12.35 -3.51 -4.84
C GLU A 13 -10.91 -3.72 -4.41
N ALA A 14 -10.39 -2.80 -3.60
CA ALA A 14 -9.02 -2.88 -3.12
C ALA A 14 -8.80 -4.12 -2.25
N ALA A 15 -9.77 -4.42 -1.40
CA ALA A 15 -9.69 -5.58 -0.52
C ALA A 15 -9.64 -6.88 -1.32
N LEU A 16 -10.50 -6.99 -2.32
CA LEU A 16 -10.54 -8.18 -3.16
C LEU A 16 -9.25 -8.36 -3.95
N GLU A 17 -8.73 -7.27 -4.50
CA GLU A 17 -7.50 -7.35 -5.26
C GLU A 17 -6.34 -7.80 -4.37
N LEU A 18 -6.27 -7.24 -3.16
CA LEU A 18 -5.21 -7.61 -2.23
C LEU A 18 -5.35 -9.06 -1.80
N ALA A 19 -6.57 -9.45 -1.43
CA ALA A 19 -6.80 -10.82 -0.99
C ALA A 19 -6.41 -11.81 -2.08
N GLY A 20 -6.66 -11.44 -3.33
CA GLY A 20 -6.31 -12.32 -4.43
C GLY A 20 -4.81 -12.56 -4.56
N LYS A 21 -4.03 -11.55 -4.22
CA LYS A 21 -2.56 -11.64 -4.31
C LYS A 21 -1.88 -12.34 -3.14
N VAL A 22 -2.50 -12.29 -1.96
CA VAL A 22 -1.88 -12.89 -0.78
C VAL A 22 -2.58 -14.10 -0.15
N ALA A 23 -3.79 -14.40 -0.60
CA ALA A 23 -4.57 -15.52 -0.06
C ALA A 23 -3.81 -16.82 0.12
N GLU A 24 -3.05 -17.21 -0.90
CA GLU A 24 -2.29 -18.46 -0.85
C GLU A 24 -1.23 -18.53 0.25
N TYR A 25 -0.84 -17.37 0.77
CA TYR A 25 0.19 -17.33 1.80
C TYR A 25 -0.33 -17.12 3.22
N VAL A 26 -1.64 -16.92 3.35
CA VAL A 26 -2.22 -16.67 4.67
C VAL A 26 -3.30 -17.67 5.06
N ASP A 27 -3.52 -17.79 6.37
CA ASP A 27 -4.52 -18.68 6.91
C ASP A 27 -5.81 -17.92 7.20
N ILE A 28 -5.65 -16.66 7.59
CA ILE A 28 -6.77 -15.81 7.93
C ILE A 28 -6.75 -14.50 7.17
N ILE A 29 -7.91 -14.13 6.62
CA ILE A 29 -8.03 -12.88 5.89
C ILE A 29 -8.92 -11.96 6.73
N GLU A 30 -8.32 -10.88 7.22
CA GLU A 30 -9.05 -9.92 8.04
C GLU A 30 -9.53 -8.71 7.26
N LEU A 31 -10.79 -8.35 7.50
CA LEU A 31 -11.38 -7.16 6.89
C LEU A 31 -11.30 -6.15 8.03
N GLY A 32 -10.45 -5.14 7.85
CA GLY A 32 -10.26 -4.14 8.88
C GLY A 32 -11.47 -3.33 9.28
N THR A 33 -11.39 -2.73 10.46
CA THR A 33 -12.48 -1.91 10.97
C THR A 33 -12.84 -0.76 10.02
N PRO A 34 -11.84 -0.02 9.52
CA PRO A 34 -12.17 1.08 8.61
C PRO A 34 -12.82 0.59 7.32
N LEU A 35 -12.42 -0.60 6.87
CA LEU A 35 -12.98 -1.20 5.66
C LEU A 35 -14.46 -1.54 5.83
N ILE A 36 -14.79 -2.11 6.98
CA ILE A 36 -16.17 -2.46 7.27
C ILE A 36 -17.01 -1.20 7.42
N LYS A 37 -16.49 -0.19 8.09
CA LYS A 37 -17.26 1.05 8.26
C LYS A 37 -17.42 1.76 6.92
N ALA A 38 -16.47 1.54 6.02
CA ALA A 38 -16.52 2.19 4.71
C ALA A 38 -17.54 1.55 3.77
N GLU A 39 -17.49 0.22 3.68
CA GLU A 39 -18.34 -0.54 2.78
C GLU A 39 -19.54 -1.27 3.38
N GLY A 40 -19.52 -1.50 4.68
CA GLY A 40 -20.62 -2.23 5.29
C GLY A 40 -20.30 -3.72 5.21
N LEU A 41 -21.22 -4.54 5.70
CA LEU A 41 -21.05 -6.00 5.72
C LEU A 41 -20.81 -6.68 4.37
N SER A 42 -21.22 -6.04 3.28
CA SER A 42 -21.03 -6.65 1.96
C SER A 42 -19.58 -6.97 1.63
N VAL A 43 -18.63 -6.25 2.22
CA VAL A 43 -17.23 -6.54 1.91
C VAL A 43 -16.85 -7.91 2.49
N ILE A 44 -17.45 -8.26 3.62
CA ILE A 44 -17.20 -9.55 4.26
C ILE A 44 -17.72 -10.66 3.36
N THR A 45 -18.94 -10.48 2.86
CA THR A 45 -19.57 -11.46 2.01
C THR A 45 -18.80 -11.67 0.71
N ALA A 46 -18.32 -10.58 0.13
CA ALA A 46 -17.57 -10.63 -1.13
C ALA A 46 -16.26 -11.39 -0.97
N VAL A 47 -15.54 -11.11 0.12
CA VAL A 47 -14.26 -11.76 0.35
C VAL A 47 -14.42 -13.25 0.66
N LYS A 48 -15.44 -13.60 1.44
CA LYS A 48 -15.67 -15.00 1.77
C LYS A 48 -16.05 -15.77 0.51
N LYS A 49 -16.82 -15.14 -0.36
CA LYS A 49 -17.25 -15.76 -1.60
C LYS A 49 -16.06 -16.06 -2.51
N ALA A 50 -15.10 -15.12 -2.55
CA ALA A 50 -13.91 -15.26 -3.37
C ALA A 50 -12.88 -16.21 -2.76
N HIS A 51 -12.98 -16.43 -1.45
CA HIS A 51 -12.04 -17.30 -0.73
C HIS A 51 -12.82 -18.10 0.32
N PRO A 52 -13.76 -18.96 -0.14
CA PRO A 52 -14.60 -19.79 0.72
C PRO A 52 -13.91 -20.73 1.70
N ASP A 53 -12.70 -21.17 1.37
CA ASP A 53 -12.00 -22.07 2.27
C ASP A 53 -10.93 -21.41 3.13
N LYS A 54 -11.00 -20.08 3.21
CA LYS A 54 -10.07 -19.32 4.03
C LYS A 54 -10.87 -18.82 5.22
N ILE A 55 -10.21 -18.61 6.35
CA ILE A 55 -10.88 -18.10 7.53
C ILE A 55 -11.04 -16.60 7.36
N VAL A 56 -12.28 -16.12 7.39
CA VAL A 56 -12.55 -14.70 7.24
C VAL A 56 -12.80 -14.07 8.61
N PHE A 57 -12.00 -13.05 8.90
CA PHE A 57 -12.00 -12.34 10.18
C PHE A 57 -12.60 -10.94 10.00
N ALA A 58 -13.73 -10.68 10.65
CA ALA A 58 -14.38 -9.36 10.55
C ALA A 58 -14.01 -8.56 11.79
N ASP A 59 -13.19 -7.52 11.60
CA ASP A 59 -12.74 -6.68 12.71
C ASP A 59 -13.80 -5.63 13.09
N MET A 60 -14.90 -6.11 13.65
CA MET A 60 -16.00 -5.24 14.05
C MET A 60 -15.64 -4.32 15.23
N LYS A 61 -14.78 -4.81 16.11
CA LYS A 61 -14.40 -4.08 17.31
C LYS A 61 -15.65 -3.63 18.05
N THR A 62 -16.58 -4.56 18.19
CA THR A 62 -17.85 -4.30 18.85
C THR A 62 -17.68 -3.77 20.28
N MET A 63 -18.44 -2.72 20.60
CA MET A 63 -18.37 -2.13 21.93
C MET A 63 -19.69 -2.27 22.68
N ASP A 64 -20.77 -2.51 21.94
CA ASP A 64 -22.09 -2.67 22.54
C ASP A 64 -22.96 -3.51 21.60
N ALA A 65 -24.03 -4.09 22.14
CA ALA A 65 -24.91 -4.95 21.36
C ALA A 65 -24.05 -6.07 20.79
N GLY A 66 -23.38 -6.78 21.68
CA GLY A 66 -22.48 -7.85 21.28
C GLY A 66 -23.09 -8.95 20.45
N GLU A 67 -24.25 -9.45 20.89
CA GLU A 67 -24.89 -10.53 20.16
C GLU A 67 -25.32 -10.08 18.77
N LEU A 68 -25.90 -8.89 18.68
CA LEU A 68 -26.36 -8.37 17.40
C LEU A 68 -25.23 -8.16 16.38
N GLU A 69 -24.20 -7.43 16.77
CA GLU A 69 -23.09 -7.18 15.86
C GLU A 69 -22.39 -8.47 15.44
N ALA A 70 -22.23 -9.41 16.37
CA ALA A 70 -21.58 -10.66 16.05
C ALA A 70 -22.47 -11.43 15.05
N ASP A 71 -23.75 -11.49 15.36
CA ASP A 71 -24.68 -12.22 14.51
C ASP A 71 -24.72 -11.72 13.06
N ILE A 72 -24.84 -10.41 12.87
CA ILE A 72 -24.91 -9.92 11.49
C ILE A 72 -23.60 -10.14 10.73
N ALA A 73 -22.48 -10.08 11.42
CA ALA A 73 -21.19 -10.31 10.78
C ALA A 73 -21.04 -11.78 10.41
N PHE A 74 -21.44 -12.68 11.32
CA PHE A 74 -21.38 -14.11 11.06
C PHE A 74 -22.28 -14.47 9.88
N LYS A 75 -23.49 -13.92 9.88
CA LYS A 75 -24.44 -14.20 8.81
C LYS A 75 -23.94 -13.66 7.47
N ALA A 76 -23.12 -12.63 7.52
CA ALA A 76 -22.57 -12.03 6.31
C ALA A 76 -21.40 -12.85 5.76
N GLY A 77 -20.97 -13.87 6.50
CA GLY A 77 -19.89 -14.72 6.04
C GLY A 77 -18.64 -14.78 6.89
N ALA A 78 -18.58 -14.00 7.96
CA ALA A 78 -17.42 -14.01 8.82
C ALA A 78 -17.34 -15.32 9.60
N ASP A 79 -16.11 -15.78 9.83
CA ASP A 79 -15.87 -17.00 10.59
C ASP A 79 -15.46 -16.59 12.00
N LEU A 80 -14.88 -15.39 12.09
CA LEU A 80 -14.44 -14.84 13.37
C LEU A 80 -14.80 -13.36 13.40
N VAL A 81 -15.16 -12.87 14.59
CA VAL A 81 -15.50 -11.47 14.76
C VAL A 81 -14.82 -10.94 16.01
N THR A 82 -14.46 -9.67 16.01
CA THR A 82 -13.81 -9.08 17.17
C THR A 82 -14.76 -8.24 18.00
N VAL A 83 -14.56 -8.31 19.31
CA VAL A 83 -15.31 -7.54 20.29
C VAL A 83 -14.20 -6.93 21.13
N LEU A 84 -14.35 -5.67 21.52
CA LEU A 84 -13.34 -4.99 22.32
C LEU A 84 -13.28 -5.52 23.75
N GLY A 85 -12.06 -5.68 24.27
CA GLY A 85 -11.91 -6.13 25.63
C GLY A 85 -12.46 -5.10 26.60
N SER A 86 -12.59 -3.86 26.12
CA SER A 86 -13.11 -2.77 26.94
C SER A 86 -14.64 -2.82 27.06
N ALA A 87 -15.27 -3.68 26.25
CA ALA A 87 -16.71 -3.82 26.29
C ALA A 87 -17.16 -4.50 27.57
N ASP A 88 -18.43 -4.31 27.92
CA ASP A 88 -18.99 -4.91 29.12
C ASP A 88 -18.91 -6.43 28.98
N ASP A 89 -18.79 -7.15 30.09
CA ASP A 89 -18.73 -8.60 30.02
C ASP A 89 -19.97 -9.15 29.32
N SER A 90 -21.12 -8.53 29.56
CA SER A 90 -22.37 -8.99 28.96
C SER A 90 -22.34 -8.85 27.44
N THR A 91 -21.59 -7.88 26.95
CA THR A 91 -21.47 -7.65 25.51
C THR A 91 -20.64 -8.78 24.90
N ILE A 92 -19.54 -9.13 25.56
CA ILE A 92 -18.70 -10.20 25.08
C ILE A 92 -19.47 -11.51 25.16
N ALA A 93 -20.22 -11.67 26.26
CA ALA A 93 -21.02 -12.88 26.45
C ALA A 93 -22.03 -13.03 25.32
N GLY A 94 -22.62 -11.91 24.91
CA GLY A 94 -23.61 -11.94 23.84
C GLY A 94 -23.00 -12.36 22.52
N ALA A 95 -21.81 -11.84 22.23
CA ALA A 95 -21.12 -12.18 21.00
C ALA A 95 -20.76 -13.66 21.03
N VAL A 96 -20.31 -14.15 22.19
CA VAL A 96 -19.96 -15.56 22.33
C VAL A 96 -21.18 -16.44 22.09
N LYS A 97 -22.34 -15.99 22.56
CA LYS A 97 -23.57 -16.75 22.39
C LYS A 97 -23.88 -16.89 20.91
N ALA A 98 -23.68 -15.80 20.16
CA ALA A 98 -23.94 -15.85 18.71
C ALA A 98 -22.91 -16.77 18.05
N ALA A 99 -21.66 -16.71 18.52
CA ALA A 99 -20.62 -17.56 17.94
C ALA A 99 -20.97 -19.03 18.15
N GLN A 100 -21.45 -19.37 19.35
CA GLN A 100 -21.81 -20.76 19.64
C GLN A 100 -22.95 -21.21 18.75
N ALA A 101 -23.92 -20.33 18.54
CA ALA A 101 -25.08 -20.64 17.70
C ALA A 101 -24.71 -20.93 16.25
N HIS A 102 -23.62 -20.34 15.78
CA HIS A 102 -23.18 -20.53 14.39
C HIS A 102 -21.94 -21.42 14.27
N ASN A 103 -21.49 -21.98 15.38
CA ASN A 103 -20.29 -22.81 15.39
C ASN A 103 -19.13 -22.00 14.84
N LYS A 104 -19.04 -20.75 15.27
CA LYS A 104 -17.97 -19.87 14.83
C LYS A 104 -17.28 -19.31 16.07
N GLY A 105 -16.52 -18.24 15.93
CA GLY A 105 -15.82 -17.74 17.11
C GLY A 105 -15.62 -16.26 17.29
N VAL A 106 -15.40 -15.88 18.55
CA VAL A 106 -15.16 -14.50 18.91
C VAL A 106 -13.72 -14.31 19.32
N VAL A 107 -13.13 -13.22 18.83
CA VAL A 107 -11.77 -12.86 19.19
C VAL A 107 -11.91 -11.55 19.95
N VAL A 108 -11.36 -11.49 21.15
CA VAL A 108 -11.45 -10.26 21.91
C VAL A 108 -10.20 -9.43 21.63
N ASP A 109 -10.40 -8.23 21.08
CA ASP A 109 -9.31 -7.33 20.74
C ASP A 109 -8.96 -6.52 21.99
N LEU A 110 -7.76 -6.75 22.54
CA LEU A 110 -7.36 -6.06 23.76
C LEU A 110 -6.70 -4.71 23.53
N ILE A 111 -6.90 -4.15 22.34
CA ILE A 111 -6.33 -2.84 22.01
C ILE A 111 -6.73 -1.81 23.06
N GLY A 112 -5.79 -0.99 23.48
CA GLY A 112 -6.08 0.04 24.48
C GLY A 112 -6.19 -0.43 25.92
N ILE A 113 -6.12 -1.74 26.14
CA ILE A 113 -6.21 -2.28 27.50
C ILE A 113 -4.87 -2.16 28.21
N GLU A 114 -4.88 -1.60 29.41
CA GLU A 114 -3.65 -1.42 30.17
C GLU A 114 -3.22 -2.75 30.80
N ASP A 115 -4.18 -3.52 31.26
CA ASP A 115 -3.92 -4.82 31.87
C ASP A 115 -4.32 -5.95 30.92
N LYS A 116 -3.60 -6.08 29.81
CA LYS A 116 -3.90 -7.10 28.82
C LYS A 116 -3.94 -8.55 29.29
N ALA A 117 -2.93 -8.98 30.05
CA ALA A 117 -2.91 -10.36 30.52
C ALA A 117 -4.09 -10.66 31.44
N THR A 118 -4.38 -9.74 32.36
CA THR A 118 -5.50 -9.92 33.28
C THR A 118 -6.82 -9.96 32.53
N ARG A 119 -7.04 -8.98 31.65
CA ARG A 119 -8.30 -8.94 30.92
C ARG A 119 -8.43 -10.17 30.03
N ALA A 120 -7.31 -10.65 29.49
CA ALA A 120 -7.34 -11.83 28.64
C ALA A 120 -7.94 -13.02 29.36
N GLN A 121 -7.50 -13.25 30.60
CA GLN A 121 -8.01 -14.35 31.41
C GLN A 121 -9.49 -14.19 31.68
N GLU A 122 -9.90 -12.96 31.96
CA GLU A 122 -11.31 -12.69 32.23
C GLU A 122 -12.21 -12.98 31.03
N VAL A 123 -11.80 -12.53 29.85
CA VAL A 123 -12.63 -12.75 28.67
C VAL A 123 -12.54 -14.18 28.15
N ARG A 124 -11.45 -14.86 28.46
CA ARG A 124 -11.31 -16.26 28.04
C ARG A 124 -12.40 -17.04 28.77
N ALA A 125 -12.63 -16.67 30.04
CA ALA A 125 -13.64 -17.32 30.85
C ALA A 125 -15.04 -17.09 30.28
N LEU A 126 -15.20 -16.00 29.53
CA LEU A 126 -16.49 -15.67 28.93
C LEU A 126 -16.71 -16.41 27.62
N GLY A 127 -15.68 -17.09 27.13
CA GLY A 127 -15.82 -17.85 25.90
C GLY A 127 -15.06 -17.43 24.66
N ALA A 128 -14.19 -16.43 24.77
CA ALA A 128 -13.43 -15.99 23.61
C ALA A 128 -12.55 -17.14 23.09
N LYS A 129 -12.42 -17.28 21.78
CA LYS A 129 -11.58 -18.32 21.20
C LYS A 129 -10.13 -17.96 21.51
N PHE A 130 -9.77 -16.72 21.20
CA PHE A 130 -8.45 -16.22 21.51
C PHE A 130 -8.54 -14.72 21.66
N VAL A 131 -7.47 -14.11 22.14
CA VAL A 131 -7.45 -12.67 22.32
C VAL A 131 -6.37 -12.10 21.43
N GLU A 132 -6.52 -10.84 21.05
CA GLU A 132 -5.54 -10.20 20.21
C GLU A 132 -4.74 -9.19 21.02
N MET A 133 -3.45 -9.46 21.16
CA MET A 133 -2.56 -8.55 21.88
C MET A 133 -2.26 -7.56 20.77
N HIS A 134 -3.07 -6.51 20.76
CA HIS A 134 -3.05 -5.50 19.71
C HIS A 134 -2.62 -4.09 20.09
N ALA A 135 -1.74 -3.52 19.26
CA ALA A 135 -1.28 -2.15 19.44
C ALA A 135 -1.72 -1.47 18.14
N GLY A 136 -2.64 -0.52 18.24
CA GLY A 136 -3.13 0.15 17.06
C GLY A 136 -2.11 1.03 16.35
N LEU A 137 -2.52 1.59 15.21
CA LEU A 137 -1.64 2.44 14.43
C LEU A 137 -1.24 3.70 15.19
N ASP A 138 -2.16 4.28 15.96
CA ASP A 138 -1.81 5.48 16.71
C ASP A 138 -0.80 5.18 17.80
N GLU A 139 -0.95 4.04 18.47
CA GLU A 139 -0.03 3.65 19.52
C GLU A 139 1.34 3.33 18.95
N GLN A 140 1.35 2.67 17.79
CA GLN A 140 2.60 2.30 17.13
C GLN A 140 3.40 3.53 16.73
N ALA A 141 2.69 4.61 16.43
CA ALA A 141 3.32 5.87 16.02
C ALA A 141 4.04 6.60 17.13
N LYS A 142 3.71 6.26 18.38
CA LYS A 142 4.36 6.92 19.51
C LYS A 142 5.83 6.55 19.58
N PRO A 143 6.70 7.55 19.80
CA PRO A 143 8.13 7.25 19.88
C PRO A 143 8.40 6.25 20.99
N GLY A 144 9.27 5.29 20.72
CA GLY A 144 9.60 4.29 21.71
C GLY A 144 8.68 3.09 21.76
N PHE A 145 7.73 3.01 20.83
CA PHE A 145 6.82 1.86 20.81
C PHE A 145 7.61 0.57 20.76
N ASP A 146 7.28 -0.36 21.64
CA ASP A 146 7.96 -1.65 21.70
C ASP A 146 6.97 -2.80 21.57
N LEU A 147 7.25 -3.71 20.64
CA LEU A 147 6.39 -4.86 20.40
C LEU A 147 6.51 -5.90 21.53
N ASN A 148 7.62 -5.85 22.26
CA ASN A 148 7.84 -6.81 23.34
C ASN A 148 6.84 -6.70 24.48
N GLY A 149 6.19 -5.55 24.60
CA GLY A 149 5.19 -5.37 25.64
C GLY A 149 4.00 -6.27 25.36
N LEU A 150 3.64 -6.38 24.09
CA LEU A 150 2.53 -7.23 23.68
C LEU A 150 2.90 -8.70 23.83
N LEU A 151 4.14 -9.03 23.50
CA LEU A 151 4.59 -10.41 23.61
C LEU A 151 4.64 -10.84 25.07
N ALA A 152 5.09 -9.95 25.94
CA ALA A 152 5.17 -10.25 27.36
C ALA A 152 3.77 -10.48 27.92
N ALA A 153 2.82 -9.67 27.48
CA ALA A 153 1.44 -9.82 27.93
C ALA A 153 0.86 -11.14 27.44
N GLY A 154 1.17 -11.50 26.20
CA GLY A 154 0.66 -12.74 25.65
C GLY A 154 1.17 -13.94 26.44
N GLU A 155 2.46 -13.93 26.76
CA GLU A 155 3.05 -15.02 27.52
C GLU A 155 2.44 -15.14 28.91
N LYS A 156 2.25 -14.01 29.58
CA LYS A 156 1.70 -14.02 30.92
C LYS A 156 0.20 -14.37 30.94
N ALA A 157 -0.50 -14.02 29.87
CA ALA A 157 -1.93 -14.26 29.77
C ALA A 157 -2.33 -15.72 29.86
N ARG A 158 -1.54 -16.60 29.25
CA ARG A 158 -1.85 -18.02 29.25
C ARG A 158 -3.24 -18.24 28.65
N VAL A 159 -3.48 -17.55 27.53
CA VAL A 159 -4.73 -17.62 26.77
C VAL A 159 -4.30 -17.63 25.30
N PRO A 160 -4.94 -18.46 24.46
CA PRO A 160 -4.52 -18.44 23.04
C PRO A 160 -4.56 -17.00 22.54
N PHE A 161 -3.49 -16.57 21.87
CA PHE A 161 -3.45 -15.19 21.41
C PHE A 161 -2.80 -14.94 20.06
N SER A 162 -3.13 -13.79 19.49
CA SER A 162 -2.56 -13.35 18.23
C SER A 162 -1.85 -12.04 18.55
N VAL A 163 -0.93 -11.63 17.70
CA VAL A 163 -0.19 -10.40 17.91
C VAL A 163 -0.34 -9.49 16.71
N ALA A 164 -0.75 -8.24 16.97
CA ALA A 164 -0.92 -7.24 15.93
C ALA A 164 -0.26 -5.96 16.44
N GLY A 165 0.77 -5.51 15.75
CA GLY A 165 1.46 -4.30 16.16
C GLY A 165 2.67 -4.00 15.29
N GLY A 166 2.43 -3.88 13.99
CA GLY A 166 3.50 -3.57 13.06
C GLY A 166 4.45 -4.73 12.86
N VAL A 167 3.94 -5.95 12.95
CA VAL A 167 4.75 -7.14 12.77
C VAL A 167 5.35 -7.17 11.36
N LYS A 168 6.63 -7.55 11.29
CA LYS A 168 7.35 -7.63 10.03
C LYS A 168 8.18 -8.91 10.07
N VAL A 169 8.77 -9.29 8.94
CA VAL A 169 9.58 -10.50 8.88
C VAL A 169 10.59 -10.56 10.03
N ALA A 170 11.21 -9.43 10.34
CA ALA A 170 12.21 -9.37 11.40
C ALA A 170 11.67 -9.75 12.79
N THR A 171 10.39 -9.48 13.03
CA THR A 171 9.81 -9.79 14.32
C THR A 171 8.95 -11.06 14.39
N ILE A 172 8.78 -11.74 13.26
CA ILE A 172 7.99 -12.97 13.25
C ILE A 172 8.57 -13.99 14.24
N PRO A 173 9.89 -14.17 14.26
CA PRO A 173 10.47 -15.14 15.21
C PRO A 173 10.12 -14.85 16.67
N ALA A 174 10.19 -13.57 17.06
CA ALA A 174 9.89 -13.19 18.43
C ALA A 174 8.41 -13.46 18.74
N VAL A 175 7.54 -13.19 17.78
CA VAL A 175 6.12 -13.40 17.96
C VAL A 175 5.82 -14.89 18.16
N GLN A 176 6.44 -15.73 17.35
CA GLN A 176 6.23 -17.17 17.45
C GLN A 176 6.82 -17.71 18.75
N LYS A 177 7.99 -17.21 19.13
CA LYS A 177 8.65 -17.65 20.36
C LYS A 177 7.81 -17.33 21.59
N ALA A 178 7.05 -16.24 21.53
CA ALA A 178 6.19 -15.84 22.64
C ALA A 178 5.02 -16.80 22.79
N GLY A 179 4.81 -17.64 21.77
CA GLY A 179 3.73 -18.61 21.81
C GLY A 179 2.46 -18.20 21.09
N ALA A 180 2.53 -17.15 20.28
CA ALA A 180 1.36 -16.68 19.56
C ALA A 180 0.78 -17.74 18.64
N GLU A 181 -0.55 -17.80 18.57
CA GLU A 181 -1.25 -18.76 17.73
C GLU A 181 -1.37 -18.16 16.34
N VAL A 182 -1.40 -16.84 16.28
CA VAL A 182 -1.52 -16.10 15.02
C VAL A 182 -0.66 -14.85 15.01
N ALA A 183 0.03 -14.61 13.89
CA ALA A 183 0.83 -13.41 13.72
C ALA A 183 0.03 -12.60 12.70
N VAL A 184 -0.32 -11.36 13.06
CA VAL A 184 -1.09 -10.49 12.17
C VAL A 184 -0.17 -9.50 11.48
N ALA A 185 -0.33 -9.36 10.17
CA ALA A 185 0.48 -8.43 9.41
C ALA A 185 -0.45 -7.53 8.58
N GLY A 186 -0.31 -6.23 8.77
CA GLY A 186 -1.13 -5.27 8.04
C GLY A 186 -0.30 -4.45 7.07
N GLY A 187 0.28 -3.35 7.56
CA GLY A 187 1.10 -2.48 6.72
C GLY A 187 2.24 -3.18 6.01
N ALA A 188 2.82 -4.19 6.63
CA ALA A 188 3.92 -4.92 6.03
C ALA A 188 3.47 -5.56 4.72
N ILE A 189 2.18 -5.85 4.61
CA ILE A 189 1.65 -6.45 3.41
C ILE A 189 0.99 -5.44 2.46
N TYR A 190 -0.07 -4.77 2.90
CA TYR A 190 -0.74 -3.82 2.01
C TYR A 190 0.05 -2.55 1.69
N GLY A 191 1.06 -2.24 2.49
CA GLY A 191 1.86 -1.05 2.25
C GLY A 191 3.09 -1.31 1.39
N ALA A 192 3.27 -2.56 0.96
CA ALA A 192 4.42 -2.93 0.14
C ALA A 192 4.18 -2.78 -1.35
N ALA A 193 5.26 -2.55 -2.11
CA ALA A 193 5.15 -2.42 -3.55
C ALA A 193 4.77 -3.78 -4.13
N ASP A 194 5.17 -4.83 -3.42
CA ASP A 194 4.88 -6.21 -3.83
C ASP A 194 4.24 -6.96 -2.67
N PRO A 195 2.93 -6.76 -2.45
CA PRO A 195 2.18 -7.42 -1.37
C PRO A 195 2.30 -8.95 -1.35
N ALA A 196 2.23 -9.56 -2.52
CA ALA A 196 2.32 -11.01 -2.63
C ALA A 196 3.64 -11.53 -2.08
N ALA A 197 4.74 -10.92 -2.48
CA ALA A 197 6.06 -11.34 -2.01
C ALA A 197 6.22 -11.07 -0.52
N ALA A 198 5.63 -9.97 -0.05
CA ALA A 198 5.71 -9.62 1.36
C ALA A 198 5.02 -10.69 2.21
N ALA A 199 3.85 -11.14 1.75
CA ALA A 199 3.10 -12.16 2.46
C ALA A 199 3.87 -13.47 2.45
N LYS A 200 4.45 -13.80 1.29
CA LYS A 200 5.21 -15.04 1.14
C LYS A 200 6.41 -15.05 2.08
N GLU A 201 7.11 -13.93 2.15
CA GLU A 201 8.28 -13.82 3.01
C GLU A 201 7.92 -13.88 4.49
N LEU A 202 6.77 -13.30 4.85
CA LEU A 202 6.33 -13.36 6.24
C LEU A 202 6.05 -14.82 6.60
N ARG A 203 5.38 -15.53 5.68
CA ARG A 203 5.05 -16.93 5.86
C ARG A 203 6.30 -17.80 6.01
N ALA A 204 7.30 -17.52 5.19
CA ALA A 204 8.54 -18.27 5.21
C ALA A 204 9.30 -18.17 6.52
N ALA A 205 9.14 -17.07 7.22
CA ALA A 205 9.83 -16.85 8.48
C ALA A 205 9.22 -17.67 9.62
N ILE A 206 8.02 -18.18 9.40
CA ILE A 206 7.34 -18.98 10.41
C ILE A 206 7.94 -20.38 10.46
N ALA A 207 8.32 -20.79 11.67
CA ALA A 207 8.92 -22.10 11.90
C ALA A 207 7.87 -23.20 11.91
N MET B 1 -31.69 22.79 25.61
CA MET B 1 -31.24 21.39 25.32
C MET B 1 -31.78 20.94 23.96
N LYS B 2 -30.92 20.31 23.18
CA LYS B 2 -31.30 19.81 21.86
C LYS B 2 -31.76 18.35 21.95
N LEU B 3 -32.44 17.88 20.91
CA LEU B 3 -32.91 16.50 20.86
C LEU B 3 -32.21 15.77 19.71
N GLN B 4 -31.63 14.62 20.03
CA GLN B 4 -30.93 13.82 19.04
C GLN B 4 -31.57 12.44 18.93
N VAL B 5 -31.83 12.01 17.69
CA VAL B 5 -32.40 10.68 17.51
C VAL B 5 -31.28 9.74 17.09
N ALA B 6 -31.18 8.63 17.81
CA ALA B 6 -30.16 7.63 17.51
C ALA B 6 -30.80 6.57 16.63
N ILE B 7 -30.56 6.66 15.32
CA ILE B 7 -31.11 5.68 14.38
C ILE B 7 -30.19 4.48 14.37
N ASP B 8 -30.62 3.44 15.05
CA ASP B 8 -29.79 2.24 15.20
C ASP B 8 -30.42 1.08 14.42
N LEU B 9 -31.41 1.42 13.59
CA LEU B 9 -32.04 0.44 12.68
C LEU B 9 -30.90 -0.06 11.78
N LEU B 10 -31.06 -1.23 11.18
CA LEU B 10 -29.97 -1.80 10.37
C LEU B 10 -29.92 -1.63 8.85
N SER B 11 -30.85 -0.87 8.27
CA SER B 11 -30.82 -0.68 6.82
C SER B 11 -30.96 0.79 6.46
N THR B 12 -30.35 1.17 5.33
CA THR B 12 -30.42 2.56 4.88
C THR B 12 -31.86 2.93 4.57
N GLU B 13 -32.59 2.00 3.96
CA GLU B 13 -34.00 2.25 3.62
C GLU B 13 -34.80 2.58 4.87
N ALA B 14 -34.67 1.73 5.89
CA ALA B 14 -35.39 1.94 7.14
C ALA B 14 -34.94 3.23 7.83
N ALA B 15 -33.64 3.51 7.76
CA ALA B 15 -33.09 4.71 8.37
C ALA B 15 -33.62 5.98 7.72
N LEU B 16 -33.70 5.99 6.39
CA LEU B 16 -34.21 7.15 5.68
C LEU B 16 -35.69 7.35 5.95
N GLU B 17 -36.45 6.26 6.00
CA GLU B 17 -37.87 6.34 6.27
C GLU B 17 -38.12 6.93 7.66
N LEU B 18 -37.36 6.45 8.64
CA LEU B 18 -37.49 6.94 10.00
C LEU B 18 -37.09 8.41 10.07
N ALA B 19 -35.97 8.75 9.45
CA ALA B 19 -35.48 10.13 9.45
C ALA B 19 -36.53 11.08 8.89
N GLY B 20 -37.20 10.67 7.83
CA GLY B 20 -38.22 11.50 7.23
C GLY B 20 -39.38 11.77 8.16
N LYS B 21 -39.70 10.79 9.01
CA LYS B 21 -40.82 10.94 9.94
C LYS B 21 -40.52 11.75 11.19
N VAL B 22 -39.27 11.79 11.61
CA VAL B 22 -38.93 12.51 12.84
C VAL B 22 -38.02 13.74 12.71
N ALA B 23 -37.45 13.96 11.53
CA ALA B 23 -36.56 15.09 11.32
C ALA B 23 -37.06 16.43 11.86
N GLU B 24 -38.34 16.71 11.67
CA GLU B 24 -38.91 17.98 12.13
C GLU B 24 -38.84 18.22 13.64
N TYR B 25 -38.75 17.14 14.41
CA TYR B 25 -38.70 17.27 15.86
C TYR B 25 -37.31 17.18 16.50
N VAL B 26 -36.31 16.85 15.70
CA VAL B 26 -34.95 16.71 16.22
C VAL B 26 -33.95 17.72 15.64
N ASP B 27 -32.88 17.95 16.39
CA ASP B 27 -31.82 18.86 15.98
C ASP B 27 -30.66 18.08 15.38
N ILE B 28 -30.49 16.85 15.87
CA ILE B 28 -29.40 15.98 15.44
C ILE B 28 -29.90 14.59 15.02
N ILE B 29 -29.44 14.14 13.86
CA ILE B 29 -29.81 12.80 13.40
C ILE B 29 -28.55 11.95 13.48
N GLU B 30 -28.59 10.93 14.33
CA GLU B 30 -27.46 10.04 14.51
C GLU B 30 -27.61 8.73 13.76
N LEU B 31 -26.53 8.33 13.09
CA LEU B 31 -26.50 7.07 12.37
C LEU B 31 -25.75 6.18 13.35
N GLY B 32 -26.46 5.22 13.94
CA GLY B 32 -25.86 4.33 14.92
C GLY B 32 -24.72 3.47 14.44
N THR B 33 -23.90 3.02 15.40
CA THR B 33 -22.75 2.19 15.09
C THR B 33 -23.08 0.93 14.29
N PRO B 34 -24.11 0.17 14.71
CA PRO B 34 -24.42 -1.04 13.95
C PRO B 34 -24.93 -0.73 12.53
N LEU B 35 -25.58 0.42 12.37
CA LEU B 35 -26.10 0.82 11.07
C LEU B 35 -24.94 1.14 10.14
N ILE B 36 -23.92 1.83 10.66
CA ILE B 36 -22.75 2.17 9.85
C ILE B 36 -21.99 0.91 9.46
N LYS B 37 -21.90 -0.06 10.37
CA LYS B 37 -21.20 -1.29 10.06
C LYS B 37 -21.99 -2.16 9.10
N ALA B 38 -23.31 -2.01 9.12
CA ALA B 38 -24.16 -2.80 8.25
C ALA B 38 -24.16 -2.28 6.81
N GLU B 39 -24.33 -0.96 6.67
CA GLU B 39 -24.41 -0.33 5.35
C GLU B 39 -23.17 0.41 4.86
N GLY B 40 -22.31 0.82 5.79
CA GLY B 40 -21.12 1.56 5.38
C GLY B 40 -21.43 3.04 5.37
N LEU B 41 -20.43 3.85 5.03
CA LEU B 41 -20.56 5.31 5.01
C LEU B 41 -21.67 5.87 4.11
N SER B 42 -22.07 5.12 3.10
CA SER B 42 -23.12 5.59 2.19
C SER B 42 -24.38 6.04 2.90
N VAL B 43 -24.68 5.45 4.05
CA VAL B 43 -25.89 5.82 4.79
C VAL B 43 -25.77 7.23 5.37
N ILE B 44 -24.55 7.64 5.73
CA ILE B 44 -24.32 8.98 6.26
C ILE B 44 -24.62 9.98 5.15
N THR B 45 -24.08 9.71 3.97
CA THR B 45 -24.26 10.57 2.81
C THR B 45 -25.73 10.67 2.41
N ALA B 46 -26.42 9.53 2.38
CA ALA B 46 -27.83 9.52 2.01
C ALA B 46 -28.68 10.33 2.99
N VAL B 47 -28.40 10.20 4.28
CA VAL B 47 -29.16 10.95 5.29
C VAL B 47 -28.88 12.44 5.23
N LYS B 48 -27.62 12.83 5.04
CA LYS B 48 -27.28 14.25 4.98
C LYS B 48 -27.90 14.86 3.73
N LYS B 49 -27.94 14.11 2.65
CA LYS B 49 -28.50 14.59 1.39
C LYS B 49 -29.99 14.87 1.56
N ALA B 50 -30.68 14.00 2.26
CA ALA B 50 -32.12 14.15 2.49
C ALA B 50 -32.41 15.16 3.59
N HIS B 51 -31.43 15.42 4.45
CA HIS B 51 -31.61 16.35 5.55
C HIS B 51 -30.40 17.25 5.76
N PRO B 52 -30.07 18.06 4.74
CA PRO B 52 -28.92 18.97 4.83
C PRO B 52 -29.10 20.00 5.92
N ASP B 53 -30.34 20.20 6.36
CA ASP B 53 -30.64 21.18 7.40
C ASP B 53 -30.58 20.59 8.80
N LYS B 54 -30.01 19.39 8.92
CA LYS B 54 -29.87 18.73 10.22
C LYS B 54 -28.42 18.36 10.49
N ILE B 55 -28.04 18.39 11.76
CA ILE B 55 -26.68 18.02 12.16
C ILE B 55 -26.63 16.50 12.07
N VAL B 56 -25.73 15.97 11.23
CA VAL B 56 -25.61 14.53 11.08
C VAL B 56 -24.45 14.01 11.95
N PHE B 57 -24.80 13.10 12.85
CA PHE B 57 -23.91 12.50 13.84
C PHE B 57 -23.56 11.06 13.44
N ALA B 58 -22.29 10.81 13.10
CA ALA B 58 -21.85 9.46 12.71
C ALA B 58 -21.25 8.75 13.92
N ASP B 59 -21.96 7.77 14.45
CA ASP B 59 -21.51 7.04 15.62
C ASP B 59 -20.48 5.99 15.24
N MET B 60 -19.29 6.45 14.87
CA MET B 60 -18.20 5.55 14.47
C MET B 60 -17.62 4.75 15.63
N LYS B 61 -17.67 5.34 16.83
CA LYS B 61 -17.09 4.72 18.02
C LYS B 61 -15.66 4.29 17.70
N THR B 62 -14.92 5.21 17.09
CA THR B 62 -13.55 4.95 16.69
C THR B 62 -12.68 4.52 17.87
N MET B 63 -11.88 3.48 17.67
CA MET B 63 -11.00 2.95 18.69
C MET B 63 -9.52 3.07 18.28
N ASP B 64 -9.29 3.31 16.99
CA ASP B 64 -7.93 3.46 16.48
C ASP B 64 -7.95 4.20 15.14
N ALA B 65 -6.81 4.78 14.76
CA ALA B 65 -6.70 5.54 13.53
C ALA B 65 -7.73 6.68 13.59
N GLY B 66 -7.64 7.46 14.66
CA GLY B 66 -8.55 8.57 14.87
C GLY B 66 -8.74 9.51 13.71
N GLU B 67 -7.63 10.01 13.16
CA GLU B 67 -7.72 10.94 12.05
C GLU B 67 -8.36 10.30 10.81
N LEU B 68 -8.01 9.06 10.53
CA LEU B 68 -8.56 8.34 9.37
C LEU B 68 -10.07 8.16 9.44
N GLU B 69 -10.57 7.60 10.54
CA GLU B 69 -12.01 7.38 10.66
C GLU B 69 -12.80 8.69 10.67
N ALA B 70 -12.26 9.71 11.34
CA ALA B 70 -12.94 11.00 11.38
C ALA B 70 -12.99 11.55 9.95
N ASP B 71 -11.84 11.50 9.26
CA ASP B 71 -11.75 11.97 7.89
C ASP B 71 -12.82 11.39 6.96
N ILE B 72 -12.89 10.06 6.90
CA ILE B 72 -13.85 9.42 6.01
C ILE B 72 -15.30 9.68 6.39
N ALA B 73 -15.58 9.83 7.68
CA ALA B 73 -16.95 10.11 8.12
C ALA B 73 -17.34 11.54 7.72
N PHE B 74 -16.42 12.48 7.93
CA PHE B 74 -16.70 13.87 7.58
C PHE B 74 -16.85 14.00 6.07
N LYS B 75 -15.99 13.29 5.34
CA LYS B 75 -16.02 13.31 3.87
C LYS B 75 -17.36 12.79 3.37
N ALA B 76 -17.92 11.83 4.11
CA ALA B 76 -19.20 11.22 3.75
C ALA B 76 -20.40 12.11 4.05
N GLY B 77 -20.17 13.21 4.78
CA GLY B 77 -21.26 14.11 5.09
C GLY B 77 -21.60 14.30 6.56
N ALA B 78 -20.87 13.63 7.45
CA ALA B 78 -21.13 13.76 8.87
C ALA B 78 -20.63 15.11 9.38
N ASP B 79 -21.36 15.66 10.34
CA ASP B 79 -20.99 16.94 10.95
C ASP B 79 -20.28 16.69 12.26
N LEU B 80 -20.56 15.53 12.86
CA LEU B 80 -19.97 15.14 14.13
C LEU B 80 -19.64 13.66 14.04
N VAL B 81 -18.59 13.25 14.74
CA VAL B 81 -18.20 11.83 14.76
C VAL B 81 -17.84 11.46 16.19
N THR B 82 -18.07 10.20 16.54
CA THR B 82 -17.74 9.75 17.90
C THR B 82 -16.47 8.94 17.93
N VAL B 83 -15.72 9.13 19.01
CA VAL B 83 -14.48 8.38 19.26
C VAL B 83 -14.70 7.86 20.67
N LEU B 84 -14.28 6.63 20.94
CA LEU B 84 -14.46 6.08 22.27
C LEU B 84 -13.54 6.74 23.29
N GLY B 85 -14.08 6.99 24.48
CA GLY B 85 -13.28 7.60 25.52
C GLY B 85 -12.18 6.64 25.95
N SER B 86 -12.40 5.35 25.74
CA SER B 86 -11.40 4.36 26.10
C SER B 86 -10.29 4.23 25.06
N ALA B 87 -10.37 5.02 24.00
CA ALA B 87 -9.33 5.00 22.97
C ALA B 87 -8.12 5.76 23.51
N ASP B 88 -6.97 5.55 22.89
CA ASP B 88 -5.75 6.23 23.31
C ASP B 88 -5.93 7.74 23.10
N ASP B 89 -5.29 8.54 23.95
CA ASP B 89 -5.39 9.99 23.80
C ASP B 89 -5.00 10.42 22.39
N SER B 90 -3.99 9.76 21.81
CA SER B 90 -3.54 10.11 20.47
C SER B 90 -4.60 9.82 19.41
N THR B 91 -5.45 8.84 19.66
CA THR B 91 -6.51 8.52 18.70
C THR B 91 -7.56 9.63 18.75
N ILE B 92 -7.86 10.10 19.95
CA ILE B 92 -8.83 11.18 20.12
C ILE B 92 -8.23 12.46 19.50
N ALA B 93 -6.94 12.69 19.74
CA ALA B 93 -6.27 13.86 19.20
C ALA B 93 -6.30 13.83 17.67
N GLY B 94 -6.11 12.64 17.10
CA GLY B 94 -6.14 12.50 15.65
C GLY B 94 -7.49 12.88 15.10
N ALA B 95 -8.55 12.43 15.77
CA ALA B 95 -9.91 12.74 15.33
C ALA B 95 -10.15 14.23 15.45
N VAL B 96 -9.67 14.83 16.53
CA VAL B 96 -9.85 16.25 16.77
C VAL B 96 -9.13 17.07 15.69
N LYS B 97 -7.98 16.59 15.25
CA LYS B 97 -7.21 17.28 14.22
C LYS B 97 -8.02 17.30 12.91
N ALA B 98 -8.62 16.14 12.58
CA ALA B 98 -9.43 16.04 11.37
C ALA B 98 -10.65 16.94 11.45
N ALA B 99 -11.25 17.02 12.63
CA ALA B 99 -12.43 17.86 12.84
C ALA B 99 -12.07 19.33 12.63
N GLN B 100 -10.92 19.73 13.15
CA GLN B 100 -10.46 21.10 13.02
C GLN B 100 -10.25 21.43 11.55
N ALA B 101 -9.65 20.49 10.82
CA ALA B 101 -9.37 20.66 9.39
C ALA B 101 -10.65 20.76 8.56
N HIS B 102 -11.71 20.11 9.02
CA HIS B 102 -12.99 20.14 8.29
C HIS B 102 -14.00 21.10 8.91
N ASN B 103 -13.58 21.83 9.94
CA ASN B 103 -14.45 22.77 10.64
C ASN B 103 -15.70 22.06 11.17
N LYS B 104 -15.49 20.86 11.69
CA LYS B 104 -16.56 20.06 12.26
C LYS B 104 -16.18 19.66 13.68
N GLY B 105 -16.78 18.60 14.22
CA GLY B 105 -16.42 18.26 15.59
C GLY B 105 -16.41 16.79 15.99
N VAL B 106 -15.72 16.55 17.10
CA VAL B 106 -15.59 15.22 17.67
C VAL B 106 -16.37 15.14 18.98
N VAL B 107 -17.12 14.05 19.14
CA VAL B 107 -17.87 13.81 20.36
C VAL B 107 -17.24 12.55 20.93
N VAL B 108 -16.82 12.60 22.19
CA VAL B 108 -16.21 11.43 22.81
C VAL B 108 -17.27 10.65 23.58
N ASP B 109 -17.48 9.41 23.16
CA ASP B 109 -18.46 8.51 23.76
C ASP B 109 -17.82 7.81 24.96
N LEU B 110 -18.31 8.12 26.16
CA LEU B 110 -17.76 7.56 27.39
C LEU B 110 -18.36 6.22 27.80
N ILE B 111 -19.01 5.54 26.86
CA ILE B 111 -19.62 4.25 27.13
C ILE B 111 -18.61 3.26 27.72
N GLY B 112 -19.03 2.56 28.78
CA GLY B 112 -18.16 1.57 29.40
C GLY B 112 -17.09 2.06 30.37
N ILE B 113 -16.97 3.38 30.51
CA ILE B 113 -15.97 3.93 31.42
C ILE B 113 -16.55 3.99 32.84
N GLU B 114 -15.78 3.52 33.82
CA GLU B 114 -16.24 3.49 35.20
C GLU B 114 -16.34 4.88 35.82
N ASP B 115 -15.30 5.69 35.65
CA ASP B 115 -15.27 7.06 36.16
C ASP B 115 -15.42 7.99 34.97
N LYS B 116 -16.66 8.18 34.52
CA LYS B 116 -16.92 9.03 33.37
C LYS B 116 -16.60 10.51 33.59
N ALA B 117 -16.78 11.00 34.81
CA ALA B 117 -16.51 12.41 35.11
C ALA B 117 -15.04 12.77 34.88
N THR B 118 -14.14 11.94 35.38
CA THR B 118 -12.73 12.22 35.20
C THR B 118 -12.30 12.12 33.75
N ARG B 119 -12.75 11.07 33.06
CA ARG B 119 -12.37 10.92 31.67
C ARG B 119 -12.99 12.04 30.82
N ALA B 120 -14.16 12.51 31.22
CA ALA B 120 -14.82 13.58 30.48
C ALA B 120 -13.92 14.81 30.44
N GLN B 121 -13.35 15.15 31.61
CA GLN B 121 -12.47 16.31 31.69
C GLN B 121 -11.19 16.10 30.89
N GLU B 122 -10.65 14.88 30.93
CA GLU B 122 -9.43 14.60 30.20
C GLU B 122 -9.62 14.73 28.69
N VAL B 123 -10.71 14.19 28.16
CA VAL B 123 -10.94 14.26 26.73
C VAL B 123 -11.37 15.64 26.24
N ARG B 124 -11.97 16.42 27.13
CA ARG B 124 -12.37 17.78 26.75
C ARG B 124 -11.06 18.54 26.55
N ALA B 125 -10.07 18.22 27.38
CA ALA B 125 -8.76 18.86 27.30
C ALA B 125 -8.00 18.40 26.06
N LEU B 126 -8.58 17.44 25.34
CA LEU B 126 -7.97 16.93 24.12
C LEU B 126 -8.67 17.55 22.91
N GLY B 127 -9.72 18.33 23.16
CA GLY B 127 -10.41 18.99 22.06
C GLY B 127 -11.82 18.54 21.70
N ALA B 128 -12.39 17.63 22.47
CA ALA B 128 -13.75 17.15 22.19
C ALA B 128 -14.74 18.31 22.34
N LYS B 129 -15.69 18.43 21.41
CA LYS B 129 -16.70 19.48 21.48
C LYS B 129 -17.56 19.22 22.72
N PHE B 130 -17.93 17.96 22.92
CA PHE B 130 -18.68 17.56 24.09
C PHE B 130 -18.54 16.06 24.27
N VAL B 131 -18.96 15.55 25.41
CA VAL B 131 -18.87 14.14 25.68
C VAL B 131 -20.25 13.54 25.82
N GLU B 132 -20.38 12.26 25.54
CA GLU B 132 -21.67 11.61 25.64
C GLU B 132 -21.67 10.67 26.84
N MET B 133 -22.46 11.04 27.85
CA MET B 133 -22.60 10.21 29.05
C MET B 133 -23.50 9.12 28.51
N HIS B 134 -22.89 8.02 28.07
CA HIS B 134 -23.60 6.92 27.42
C HIS B 134 -23.60 5.56 28.10
N ALA B 135 -24.78 4.96 28.18
CA ALA B 135 -24.96 3.61 28.75
C ALA B 135 -25.50 2.79 27.57
N GLY B 136 -24.78 1.74 27.19
CA GLY B 136 -25.22 0.92 26.07
C GLY B 136 -26.42 0.03 26.29
N LEU B 137 -26.85 -0.63 25.22
CA LEU B 137 -27.99 -1.51 25.26
C LEU B 137 -27.77 -2.71 26.17
N ASP B 138 -26.56 -3.27 26.16
CA ASP B 138 -26.29 -4.42 27.02
C ASP B 138 -26.31 -4.01 28.49
N GLU B 139 -25.75 -2.83 28.78
CA GLU B 139 -25.73 -2.34 30.15
C GLU B 139 -27.15 -2.04 30.64
N GLN B 140 -27.97 -1.47 29.77
CA GLN B 140 -29.34 -1.13 30.13
C GLN B 140 -30.21 -2.36 30.37
N ALA B 141 -29.82 -3.49 29.78
CA ALA B 141 -30.59 -4.72 29.92
C ALA B 141 -30.41 -5.38 31.29
N LYS B 142 -29.45 -4.88 32.06
CA LYS B 142 -29.21 -5.43 33.39
C LYS B 142 -30.24 -4.87 34.37
N PRO B 143 -30.83 -5.74 35.21
CA PRO B 143 -31.81 -5.25 36.17
C PRO B 143 -31.18 -4.23 37.10
N GLY B 144 -31.93 -3.18 37.41
CA GLY B 144 -31.42 -2.15 38.30
C GLY B 144 -30.72 -1.01 37.58
N PHE B 145 -30.64 -1.07 36.26
CA PHE B 145 -29.99 -0.01 35.52
C PHE B 145 -30.63 1.32 35.90
N ASP B 146 -29.78 2.30 36.19
CA ASP B 146 -30.27 3.62 36.59
C ASP B 146 -29.64 4.70 35.73
N LEU B 147 -30.48 5.61 35.23
CA LEU B 147 -30.02 6.70 34.38
C LEU B 147 -29.33 7.80 35.17
N ASN B 148 -29.69 7.94 36.43
CA ASN B 148 -29.12 8.99 37.28
C ASN B 148 -27.61 8.91 37.46
N GLY B 149 -27.02 7.75 37.19
CA GLY B 149 -25.58 7.62 37.31
C GLY B 149 -24.90 8.43 36.24
N LEU B 150 -25.49 8.43 35.05
CA LEU B 150 -24.95 9.18 33.92
C LEU B 150 -25.13 10.68 34.16
N LEU B 151 -26.27 11.05 34.73
CA LEU B 151 -26.53 12.46 34.99
C LEU B 151 -25.56 12.99 36.05
N ALA B 152 -25.29 12.19 37.06
CA ALA B 152 -24.37 12.58 38.12
C ALA B 152 -22.99 12.88 37.55
N ALA B 153 -22.52 12.00 36.66
CA ALA B 153 -21.21 12.18 36.04
C ALA B 153 -21.19 13.44 35.20
N GLY B 154 -22.29 13.69 34.49
CA GLY B 154 -22.37 14.87 33.66
C GLY B 154 -22.32 16.13 34.51
N GLU B 155 -23.05 16.13 35.61
CA GLU B 155 -23.09 17.27 36.52
C GLU B 155 -21.73 17.53 37.16
N LYS B 156 -21.03 16.45 37.51
CA LYS B 156 -19.73 16.54 38.15
C LYS B 156 -18.58 17.02 37.26
N ALA B 157 -18.51 16.48 36.05
CA ALA B 157 -17.45 16.83 35.12
C ALA B 157 -17.43 18.31 34.73
N ARG B 158 -18.61 18.92 34.67
CA ARG B 158 -18.73 20.33 34.30
C ARG B 158 -18.15 20.59 32.90
N VAL B 159 -18.42 19.67 32.00
CA VAL B 159 -17.98 19.74 30.61
C VAL B 159 -19.22 19.56 29.73
N PRO B 160 -19.24 20.19 28.54
CA PRO B 160 -20.42 20.02 27.68
C PRO B 160 -20.72 18.54 27.49
N PHE B 161 -21.95 18.12 27.75
CA PHE B 161 -22.28 16.70 27.59
C PHE B 161 -23.68 16.40 27.11
N SER B 162 -23.83 15.22 26.54
CA SER B 162 -25.12 14.74 26.06
C SER B 162 -25.38 13.47 26.88
N VAL B 163 -26.63 13.01 26.87
CA VAL B 163 -26.99 11.81 27.61
C VAL B 163 -27.70 10.81 26.70
N ALA B 164 -27.23 9.56 26.73
CA ALA B 164 -27.82 8.51 25.92
C ALA B 164 -27.92 7.25 26.77
N GLY B 165 -29.11 6.68 26.85
CA GLY B 165 -29.29 5.48 27.64
C GLY B 165 -30.68 5.29 28.19
N GLY B 166 -31.61 4.91 27.31
CA GLY B 166 -32.98 4.68 27.74
C GLY B 166 -33.79 5.94 27.97
N VAL B 167 -33.31 7.07 27.47
CA VAL B 167 -34.02 8.33 27.63
C VAL B 167 -35.43 8.22 27.04
N LYS B 168 -36.41 8.67 27.81
CA LYS B 168 -37.81 8.63 27.40
C LYS B 168 -38.48 9.91 27.90
N VAL B 169 -39.72 10.14 27.49
CA VAL B 169 -40.43 11.34 27.93
C VAL B 169 -40.33 11.53 29.44
N ALA B 170 -40.49 10.44 30.19
CA ALA B 170 -40.45 10.48 31.66
C ALA B 170 -39.13 11.00 32.23
N THR B 171 -38.02 10.71 31.54
CA THR B 171 -36.72 11.14 32.03
C THR B 171 -36.14 12.40 31.36
N ILE B 172 -36.82 12.93 30.36
CA ILE B 172 -36.34 14.14 29.69
C ILE B 172 -36.09 15.28 30.67
N PRO B 173 -37.05 15.54 31.58
CA PRO B 173 -36.87 16.63 32.56
C PRO B 173 -35.61 16.46 33.41
N ALA B 174 -35.33 15.23 33.83
CA ALA B 174 -34.16 14.95 34.65
C ALA B 174 -32.88 15.18 33.86
N VAL B 175 -32.88 14.77 32.59
CA VAL B 175 -31.72 14.94 31.73
C VAL B 175 -31.43 16.42 31.52
N GLN B 176 -32.48 17.21 31.29
CA GLN B 176 -32.31 18.63 31.07
C GLN B 176 -31.87 19.37 32.33
N LYS B 177 -32.40 18.95 33.48
CA LYS B 177 -32.04 19.58 34.75
C LYS B 177 -30.57 19.34 35.08
N ALA B 178 -30.06 18.18 34.65
CA ALA B 178 -28.67 17.82 34.90
C ALA B 178 -27.71 18.72 34.11
N GLY B 179 -28.25 19.47 33.15
CA GLY B 179 -27.42 20.37 32.37
C GLY B 179 -26.98 19.83 31.02
N ALA B 180 -27.56 18.72 30.60
CA ALA B 180 -27.22 18.12 29.32
C ALA B 180 -27.53 19.09 28.18
N GLU B 181 -26.60 19.24 27.25
CA GLU B 181 -26.79 20.12 26.10
C GLU B 181 -27.58 19.39 25.01
N VAL B 182 -27.59 18.06 25.09
CA VAL B 182 -28.31 17.22 24.15
C VAL B 182 -28.86 15.97 24.84
N ALA B 183 -30.09 15.62 24.51
CA ALA B 183 -30.71 14.42 25.05
C ALA B 183 -30.84 13.49 23.84
N VAL B 184 -30.30 12.28 23.96
CA VAL B 184 -30.35 11.30 22.87
C VAL B 184 -31.44 10.27 23.11
N ALA B 185 -32.31 10.09 22.13
CA ALA B 185 -33.39 9.10 22.23
C ALA B 185 -33.24 8.12 21.08
N GLY B 186 -33.18 6.83 21.41
CA GLY B 186 -33.05 5.81 20.39
C GLY B 186 -34.29 4.94 20.35
N GLY B 187 -34.31 3.90 21.17
CA GLY B 187 -35.44 2.99 21.21
C GLY B 187 -36.78 3.68 21.42
N ALA B 188 -36.80 4.74 22.23
CA ALA B 188 -38.05 5.46 22.48
C ALA B 188 -38.65 5.95 21.16
N ILE B 189 -37.82 6.17 20.16
CA ILE B 189 -38.30 6.62 18.87
C ILE B 189 -38.42 5.51 17.84
N TYR B 190 -37.31 4.85 17.51
CA TYR B 190 -37.37 3.81 16.49
C TYR B 190 -38.05 2.51 16.92
N GLY B 191 -38.25 2.34 18.22
CA GLY B 191 -38.91 1.14 18.70
C GLY B 191 -40.41 1.33 18.80
N ALA B 192 -40.86 2.56 18.57
CA ALA B 192 -42.28 2.87 18.66
C ALA B 192 -43.05 2.51 17.39
N ALA B 193 -44.31 2.09 17.56
CA ALA B 193 -45.14 1.75 16.41
C ALA B 193 -45.36 3.02 15.59
N ASP B 194 -45.32 4.16 16.28
CA ASP B 194 -45.49 5.45 15.63
C ASP B 194 -44.33 6.36 16.02
N PRO B 195 -43.21 6.28 15.28
CA PRO B 195 -42.00 7.10 15.55
C PRO B 195 -42.25 8.60 15.55
N ALA B 196 -43.06 9.07 14.62
CA ALA B 196 -43.35 10.50 14.53
C ALA B 196 -43.97 10.99 15.84
N ALA B 197 -44.99 10.28 16.30
CA ALA B 197 -45.66 10.65 17.55
C ALA B 197 -44.69 10.58 18.72
N ALA B 198 -43.83 9.56 18.73
CA ALA B 198 -42.85 9.41 19.80
C ALA B 198 -41.90 10.60 19.86
N ALA B 199 -41.39 11.00 18.70
CA ALA B 199 -40.46 12.13 18.61
C ALA B 199 -41.16 13.41 19.02
N LYS B 200 -42.41 13.56 18.59
CA LYS B 200 -43.18 14.76 18.92
C LYS B 200 -43.33 14.89 20.43
N GLU B 201 -43.62 13.76 21.10
CA GLU B 201 -43.78 13.75 22.55
C GLU B 201 -42.47 14.10 23.27
N LEU B 202 -41.37 13.53 22.80
CA LEU B 202 -40.07 13.81 23.40
C LEU B 202 -39.75 15.30 23.30
N ARG B 203 -40.00 15.88 22.13
CA ARG B 203 -39.76 17.29 21.90
C ARG B 203 -40.65 18.14 22.82
N ALA B 204 -41.90 17.72 22.95
CA ALA B 204 -42.85 18.44 23.80
C ALA B 204 -42.42 18.46 25.27
N ALA B 205 -41.63 17.47 25.68
CA ALA B 205 -41.18 17.38 27.07
C ALA B 205 -40.01 18.31 27.37
N ILE B 206 -39.33 18.80 26.33
CA ILE B 206 -38.20 19.69 26.51
C ILE B 206 -38.66 21.10 26.85
N ALA B 207 -38.08 21.66 27.91
CA ALA B 207 -38.42 23.01 28.35
C ALA B 207 -37.61 24.03 27.55
N MET C 1 9.94 23.71 -2.42
CA MET C 1 10.13 22.28 -2.80
C MET C 1 8.84 21.68 -3.34
N LYS C 2 8.96 20.88 -4.39
CA LYS C 2 7.81 20.25 -5.01
C LYS C 2 7.58 18.85 -4.43
N LEU C 3 6.38 18.30 -4.66
CA LEU C 3 6.05 16.97 -4.17
C LEU C 3 5.79 16.06 -5.36
N GLN C 4 6.44 14.90 -5.37
CA GLN C 4 6.29 13.94 -6.45
C GLN C 4 5.77 12.61 -5.91
N VAL C 5 4.75 12.05 -6.56
CA VAL C 5 4.21 10.76 -6.14
C VAL C 5 4.78 9.69 -7.08
N ALA C 6 5.39 8.67 -6.50
CA ALA C 6 5.96 7.58 -7.28
C ALA C 6 4.91 6.48 -7.39
N ILE C 7 4.25 6.40 -8.54
CA ILE C 7 3.22 5.39 -8.73
C ILE C 7 3.89 4.09 -9.17
N ASP C 8 4.29 3.31 -8.18
CA ASP C 8 4.96 2.04 -8.43
C ASP C 8 3.94 0.90 -8.39
N LEU C 9 2.86 1.08 -9.12
CA LEU C 9 1.80 0.07 -9.21
C LEU C 9 2.07 -0.73 -10.48
N LEU C 10 1.21 -1.69 -10.79
CA LEU C 10 1.45 -2.53 -11.96
C LEU C 10 0.43 -2.50 -13.09
N SER C 11 -0.59 -1.66 -12.98
CA SER C 11 -1.58 -1.57 -14.06
C SER C 11 -1.98 -0.13 -14.32
N THR C 12 -2.35 0.16 -15.56
CA THR C 12 -2.77 1.50 -15.95
C THR C 12 -4.03 1.90 -15.17
N GLU C 13 -4.96 0.97 -15.01
CA GLU C 13 -6.19 1.25 -14.28
C GLU C 13 -5.86 1.68 -12.84
N ALA C 14 -4.92 0.98 -12.21
CA ALA C 14 -4.52 1.29 -10.84
C ALA C 14 -3.81 2.63 -10.77
N ALA C 15 -2.95 2.89 -11.75
CA ALA C 15 -2.21 4.14 -11.81
C ALA C 15 -3.18 5.31 -11.98
N LEU C 16 -4.15 5.16 -12.87
CA LEU C 16 -5.12 6.22 -13.10
C LEU C 16 -5.97 6.47 -11.86
N GLU C 17 -6.37 5.39 -11.17
CA GLU C 17 -7.17 5.54 -9.97
C GLU C 17 -6.41 6.32 -8.91
N LEU C 18 -5.16 5.94 -8.67
CA LEU C 18 -4.34 6.62 -7.67
C LEU C 18 -4.07 8.07 -8.07
N ALA C 19 -3.71 8.29 -9.33
CA ALA C 19 -3.44 9.63 -9.82
C ALA C 19 -4.63 10.56 -9.61
N GLY C 20 -5.83 10.05 -9.83
CA GLY C 20 -7.02 10.87 -9.65
C GLY C 20 -7.22 11.30 -8.21
N LYS C 21 -6.79 10.45 -7.28
CA LYS C 21 -6.94 10.72 -5.85
C LYS C 21 -5.93 11.71 -5.27
N VAL C 22 -4.72 11.71 -5.82
CA VAL C 22 -3.67 12.57 -5.29
C VAL C 22 -3.15 13.70 -6.17
N ALA C 23 -3.58 13.74 -7.44
CA ALA C 23 -3.12 14.78 -8.36
C ALA C 23 -3.17 16.20 -7.82
N GLU C 24 -4.29 16.56 -7.19
CA GLU C 24 -4.43 17.92 -6.66
C GLU C 24 -3.41 18.31 -5.61
N TYR C 25 -2.78 17.32 -4.97
CA TYR C 25 -1.80 17.58 -3.94
C TYR C 25 -0.34 17.48 -4.37
N VAL C 26 -0.11 17.00 -5.58
CA VAL C 26 1.26 16.85 -6.05
C VAL C 26 1.61 17.71 -7.27
N ASP C 27 2.90 17.94 -7.46
CA ASP C 27 3.39 18.74 -8.58
C ASP C 27 3.82 17.81 -9.72
N ILE C 28 4.32 16.64 -9.34
CA ILE C 28 4.81 15.67 -10.32
C ILE C 28 4.21 14.30 -10.09
N ILE C 29 3.78 13.66 -11.18
CA ILE C 29 3.22 12.32 -11.12
C ILE C 29 4.20 11.40 -11.83
N GLU C 30 4.84 10.54 -11.05
CA GLU C 30 5.81 9.59 -11.59
C GLU C 30 5.20 8.25 -11.89
N LEU C 31 5.52 7.71 -13.07
CA LEU C 31 5.07 6.38 -13.45
C LEU C 31 6.29 5.52 -13.20
N GLY C 32 6.19 4.61 -12.24
CA GLY C 32 7.30 3.75 -11.88
C GLY C 32 7.86 2.85 -12.97
N THR C 33 9.10 2.41 -12.76
CA THR C 33 9.77 1.55 -13.71
C THR C 33 9.02 0.23 -13.96
N PRO C 34 8.56 -0.45 -12.90
CA PRO C 34 7.84 -1.70 -13.12
C PRO C 34 6.51 -1.47 -13.84
N LEU C 35 5.90 -0.31 -13.61
CA LEU C 35 4.63 0.03 -14.26
C LEU C 35 4.82 0.18 -15.76
N ILE C 36 5.88 0.89 -16.15
CA ILE C 36 6.18 1.09 -17.56
C ILE C 36 6.52 -0.25 -18.23
N LYS C 37 7.27 -1.10 -17.55
CA LYS C 37 7.61 -2.39 -18.10
C LYS C 37 6.39 -3.29 -18.19
N ALA C 38 5.44 -3.08 -17.28
CA ALA C 38 4.23 -3.89 -17.28
C ALA C 38 3.25 -3.50 -18.39
N GLU C 39 3.00 -2.20 -18.53
CA GLU C 39 2.04 -1.70 -19.51
C GLU C 39 2.60 -1.10 -20.79
N GLY C 40 3.85 -0.66 -20.76
CA GLY C 40 4.41 -0.04 -21.95
C GLY C 40 4.14 1.46 -21.87
N LEU C 41 4.59 2.20 -22.88
CA LEU C 41 4.43 3.65 -22.90
C LEU C 41 3.00 4.18 -22.83
N SER C 42 2.01 3.35 -23.18
CA SER C 42 0.63 3.80 -23.14
C SER C 42 0.16 4.29 -21.77
N VAL C 43 0.80 3.83 -20.70
CA VAL C 43 0.38 4.28 -19.37
C VAL C 43 0.76 5.74 -19.18
N ILE C 44 1.87 6.15 -19.81
CA ILE C 44 2.33 7.53 -19.72
C ILE C 44 1.32 8.43 -20.43
N THR C 45 0.90 7.99 -21.61
CA THR C 45 -0.06 8.73 -22.43
C THR C 45 -1.40 8.87 -21.70
N ALA C 46 -1.85 7.79 -21.08
CA ALA C 46 -3.12 7.79 -20.37
C ALA C 46 -3.10 8.72 -19.16
N VAL C 47 -2.03 8.67 -18.39
CA VAL C 47 -1.92 9.53 -17.21
C VAL C 47 -1.80 10.99 -17.59
N LYS C 48 -1.01 11.29 -18.62
CA LYS C 48 -0.86 12.68 -19.06
C LYS C 48 -2.18 13.22 -19.61
N LYS C 49 -2.93 12.35 -20.28
CA LYS C 49 -4.21 12.77 -20.84
C LYS C 49 -5.18 13.15 -19.73
N ALA C 50 -5.14 12.40 -18.64
CA ALA C 50 -6.02 12.64 -17.51
C ALA C 50 -5.57 13.82 -16.64
N HIS C 51 -4.29 14.16 -16.72
CA HIS C 51 -3.73 15.25 -15.92
C HIS C 51 -2.75 16.04 -16.78
N PRO C 52 -3.27 16.70 -17.84
CA PRO C 52 -2.49 17.51 -18.78
C PRO C 52 -1.66 18.64 -18.20
N ASP C 53 -2.07 19.17 -17.05
CA ASP C 53 -1.33 20.28 -16.45
C ASP C 53 -0.45 19.86 -15.29
N LYS C 54 -0.19 18.56 -15.20
CA LYS C 54 0.69 18.03 -14.16
C LYS C 54 1.95 17.57 -14.86
N ILE C 55 3.08 17.65 -14.17
CA ILE C 55 4.34 17.21 -14.74
C ILE C 55 4.37 15.68 -14.65
N VAL C 56 4.46 15.02 -15.81
CA VAL C 56 4.49 13.56 -15.84
C VAL C 56 5.95 13.11 -15.97
N PHE C 57 6.36 12.30 -15.01
CA PHE C 57 7.71 11.77 -14.87
C PHE C 57 7.73 10.28 -15.22
N ALA C 58 8.42 9.94 -16.30
CA ALA C 58 8.52 8.54 -16.73
C ALA C 58 9.83 7.96 -16.22
N ASP C 59 9.74 7.05 -15.25
CA ASP C 59 10.93 6.44 -14.66
C ASP C 59 11.46 5.31 -15.54
N MET C 60 12.02 5.69 -16.68
CA MET C 60 12.57 4.73 -17.63
C MET C 60 13.84 4.03 -17.15
N LYS C 61 14.63 4.73 -16.33
CA LYS C 61 15.91 4.21 -15.85
C LYS C 61 16.72 3.70 -17.03
N THR C 62 16.77 4.52 -18.07
CA THR C 62 17.50 4.18 -19.29
C THR C 62 18.96 3.89 -19.00
N MET C 63 19.47 2.81 -19.61
CA MET C 63 20.86 2.40 -19.44
C MET C 63 21.64 2.44 -20.76
N ASP C 64 20.91 2.46 -21.88
CA ASP C 64 21.53 2.49 -23.20
C ASP C 64 20.51 3.03 -24.20
N ALA C 65 21.00 3.48 -25.36
CA ALA C 65 20.15 4.07 -26.39
C ALA C 65 19.41 5.24 -25.74
N GLY C 66 20.19 6.15 -25.14
CA GLY C 66 19.62 7.28 -24.45
C GLY C 66 18.68 8.18 -25.24
N GLU C 67 19.09 8.56 -26.44
CA GLU C 67 18.26 9.42 -27.26
C GLU C 67 16.96 8.72 -27.63
N LEU C 68 17.05 7.45 -27.99
CA LEU C 68 15.86 6.69 -28.38
C LEU C 68 14.86 6.52 -27.25
N GLU C 69 15.31 6.00 -26.10
CA GLU C 69 14.37 5.81 -25.00
C GLU C 69 13.78 7.12 -24.53
N ALA C 70 14.58 8.18 -24.49
CA ALA C 70 14.05 9.47 -24.06
C ALA C 70 13.01 9.95 -25.07
N ASP C 71 13.35 9.85 -26.35
CA ASP C 71 12.44 10.32 -27.40
C ASP C 71 11.08 9.62 -27.37
N ILE C 72 11.07 8.30 -27.27
CA ILE C 72 9.78 7.62 -27.27
C ILE C 72 8.95 7.94 -26.02
N ALA C 73 9.63 8.17 -24.88
CA ALA C 73 8.91 8.49 -23.66
C ALA C 73 8.34 9.91 -23.74
N PHE C 74 9.12 10.84 -24.26
CA PHE C 74 8.66 12.22 -24.40
C PHE C 74 7.49 12.26 -25.38
N LYS C 75 7.59 11.51 -26.47
CA LYS C 75 6.53 11.49 -27.47
C LYS C 75 5.25 10.89 -26.91
N ALA C 76 5.39 9.97 -25.95
CA ALA C 76 4.23 9.32 -25.35
C ALA C 76 3.54 10.22 -24.32
N GLY C 77 4.15 11.37 -24.02
CA GLY C 77 3.53 12.29 -23.07
C GLY C 77 4.34 12.67 -21.85
N ALA C 78 5.49 12.05 -21.65
CA ALA C 78 6.30 12.39 -20.48
C ALA C 78 6.92 13.78 -20.59
N ASP C 79 7.04 14.46 -19.46
CA ASP C 79 7.65 15.79 -19.42
C ASP C 79 9.09 15.62 -18.93
N LEU C 80 9.31 14.58 -18.15
CA LEU C 80 10.62 14.25 -17.60
C LEU C 80 10.86 12.75 -17.74
N VAL C 81 12.10 12.37 -18.00
CA VAL C 81 12.46 10.96 -18.13
C VAL C 81 13.73 10.72 -17.34
N THR C 82 13.87 9.54 -16.77
CA THR C 82 15.08 9.23 -16.02
C THR C 82 16.05 8.36 -16.79
N VAL C 83 17.33 8.66 -16.60
CA VAL C 83 18.43 7.93 -17.21
C VAL C 83 19.31 7.60 -16.01
N LEU C 84 19.82 6.37 -15.97
CA LEU C 84 20.67 5.97 -14.85
C LEU C 84 22.02 6.68 -14.86
N GLY C 85 22.47 7.06 -13.66
CA GLY C 85 23.76 7.71 -13.56
C GLY C 85 24.88 6.77 -13.94
N SER C 86 24.59 5.47 -13.89
CA SER C 86 25.58 4.45 -14.24
C SER C 86 25.71 4.31 -15.75
N ALA C 87 24.83 4.97 -16.49
CA ALA C 87 24.89 4.92 -17.94
C ALA C 87 26.10 5.67 -18.47
N ASP C 88 26.50 5.36 -19.69
CA ASP C 88 27.63 6.02 -20.31
C ASP C 88 27.25 7.50 -20.49
N ASP C 89 28.25 8.38 -20.44
CA ASP C 89 27.99 9.80 -20.62
C ASP C 89 27.28 10.07 -21.95
N SER C 90 27.62 9.30 -22.98
CA SER C 90 27.00 9.51 -24.28
C SER C 90 25.51 9.15 -24.25
N THR C 91 25.14 8.21 -23.39
CA THR C 91 23.75 7.81 -23.26
C THR C 91 22.97 8.97 -22.63
N ILE C 92 23.53 9.54 -21.57
CA ILE C 92 22.89 10.68 -20.94
C ILE C 92 22.85 11.85 -21.91
N ALA C 93 23.93 12.04 -22.66
CA ALA C 93 23.99 13.15 -23.61
C ALA C 93 22.92 12.98 -24.69
N GLY C 94 22.68 11.73 -25.10
CA GLY C 94 21.69 11.45 -26.12
C GLY C 94 20.29 11.80 -25.61
N ALA C 95 20.02 11.44 -24.36
CA ALA C 95 18.72 11.72 -23.76
C ALA C 95 18.51 13.22 -23.64
N VAL C 96 19.56 13.94 -23.25
CA VAL C 96 19.49 15.38 -23.12
C VAL C 96 19.23 16.03 -24.48
N LYS C 97 19.79 15.46 -25.54
CA LYS C 97 19.57 16.00 -26.87
C LYS C 97 18.09 15.89 -27.23
N ALA C 98 17.49 14.76 -26.90
CA ALA C 98 16.06 14.56 -27.18
C ALA C 98 15.25 15.53 -26.33
N ALA C 99 15.65 15.69 -25.07
CA ALA C 99 14.95 16.60 -24.17
C ALA C 99 14.97 18.03 -24.73
N GLN C 100 16.13 18.47 -25.20
CA GLN C 100 16.24 19.80 -25.76
C GLN C 100 15.36 19.95 -27.00
N ALA C 101 15.29 18.90 -27.81
CA ALA C 101 14.49 18.94 -29.03
C ALA C 101 13.00 19.09 -28.72
N HIS C 102 12.58 18.59 -27.57
CA HIS C 102 11.17 18.65 -27.15
C HIS C 102 10.88 19.68 -26.07
N ASN C 103 11.90 20.46 -25.69
CA ASN C 103 11.75 21.45 -24.63
C ASN C 103 11.26 20.76 -23.37
N LYS C 104 11.85 19.60 -23.08
CA LYS C 104 11.51 18.84 -21.89
C LYS C 104 12.79 18.57 -21.10
N GLY C 105 12.78 17.61 -20.19
CA GLY C 105 13.97 17.38 -19.40
C GLY C 105 14.35 15.98 -18.97
N VAL C 106 15.64 15.82 -18.71
CA VAL C 106 16.20 14.56 -18.25
C VAL C 106 16.57 14.65 -16.78
N VAL C 107 16.19 13.63 -16.04
CA VAL C 107 16.53 13.53 -14.62
C VAL C 107 17.45 12.33 -14.53
N VAL C 108 18.62 12.50 -13.91
CA VAL C 108 19.52 11.37 -13.80
C VAL C 108 19.32 10.72 -12.44
N ASP C 109 18.97 9.45 -12.46
CA ASP C 109 18.71 8.68 -11.25
C ASP C 109 20.03 8.12 -10.74
N LEU C 110 20.47 8.59 -9.57
CA LEU C 110 21.74 8.13 -9.03
C LEU C 110 21.64 6.87 -8.17
N ILE C 111 20.55 6.13 -8.33
CA ILE C 111 20.38 4.90 -7.58
C ILE C 111 21.57 3.96 -7.83
N GLY C 112 22.08 3.38 -6.76
CA GLY C 112 23.20 2.46 -6.85
C GLY C 112 24.56 3.09 -7.03
N ILE C 113 24.62 4.41 -7.14
CA ILE C 113 25.89 5.10 -7.32
C ILE C 113 26.56 5.32 -5.97
N GLU C 114 27.82 4.94 -5.86
CA GLU C 114 28.55 5.11 -4.60
C GLU C 114 28.94 6.57 -4.39
N ASP C 115 29.48 7.19 -5.44
CA ASP C 115 29.91 8.59 -5.38
C ASP C 115 28.84 9.51 -5.96
N LYS C 116 27.70 9.60 -5.27
CA LYS C 116 26.59 10.41 -5.77
C LYS C 116 26.88 11.89 -6.01
N ALA C 117 27.56 12.55 -5.09
CA ALA C 117 27.87 13.96 -5.25
C ALA C 117 28.75 14.21 -6.46
N THR C 118 29.76 13.37 -6.64
CA THR C 118 30.67 13.51 -7.77
C THR C 118 29.95 13.23 -9.08
N ARG C 119 29.24 12.12 -9.15
CA ARG C 119 28.54 11.78 -10.38
C ARG C 119 27.48 12.84 -10.70
N ALA C 120 26.87 13.42 -9.66
CA ALA C 120 25.86 14.45 -9.86
C ALA C 120 26.43 15.63 -10.64
N GLN C 121 27.60 16.10 -10.22
CA GLN C 121 28.24 17.21 -10.90
C GLN C 121 28.57 16.87 -12.35
N GLU C 122 29.03 15.65 -12.57
CA GLU C 122 29.38 15.22 -13.92
C GLU C 122 28.16 15.20 -14.83
N VAL C 123 27.05 14.64 -14.38
CA VAL C 123 25.87 14.56 -15.24
C VAL C 123 25.15 15.89 -15.39
N ARG C 124 25.32 16.78 -14.42
CA ARG C 124 24.70 18.11 -14.52
C ARG C 124 25.36 18.83 -15.69
N ALA C 125 26.66 18.61 -15.85
CA ALA C 125 27.42 19.22 -16.93
C ALA C 125 26.94 18.72 -18.28
N LEU C 126 26.38 17.50 -18.30
CA LEU C 126 25.87 16.91 -19.53
C LEU C 126 24.48 17.45 -19.89
N GLY C 127 23.87 18.19 -18.98
CA GLY C 127 22.57 18.76 -19.25
C GLY C 127 21.37 18.28 -18.44
N ALA C 128 21.59 17.40 -17.46
CA ALA C 128 20.49 16.93 -16.63
C ALA C 128 19.83 18.10 -15.91
N LYS C 129 18.50 18.10 -15.84
CA LYS C 129 17.77 19.17 -15.16
C LYS C 129 18.03 19.08 -13.66
N PHE C 130 17.95 17.87 -13.14
CA PHE C 130 18.26 17.62 -11.75
C PHE C 130 18.58 16.14 -11.57
N VAL C 131 19.12 15.79 -10.42
CA VAL C 131 19.48 14.41 -10.15
C VAL C 131 18.63 13.88 -9.02
N GLU C 132 18.42 12.58 -9.02
CA GLU C 132 17.63 11.98 -7.96
C GLU C 132 18.54 11.22 -7.01
N MET C 133 18.66 11.73 -5.78
CA MET C 133 19.45 11.06 -4.75
C MET C 133 18.46 9.97 -4.34
N HIS C 134 18.65 8.81 -4.96
CA HIS C 134 17.74 7.69 -4.81
C HIS C 134 18.28 6.42 -4.16
N ALA C 135 17.47 5.87 -3.25
CA ALA C 135 17.79 4.60 -2.58
C ALA C 135 16.57 3.76 -2.93
N GLY C 136 16.80 2.69 -3.69
CA GLY C 136 15.71 1.82 -4.11
C GLY C 136 15.09 0.99 -3.01
N LEU C 137 14.05 0.25 -3.36
CA LEU C 137 13.35 -0.60 -2.39
C LEU C 137 14.27 -1.66 -1.80
N ASP C 138 15.14 -2.25 -2.61
CA ASP C 138 16.04 -3.26 -2.08
C ASP C 138 17.03 -2.67 -1.08
N GLU C 139 17.51 -1.46 -1.36
CA GLU C 139 18.45 -0.80 -0.45
C GLU C 139 17.74 -0.34 0.83
N GLN C 140 16.50 0.12 0.68
CA GLN C 140 15.71 0.58 1.83
C GLN C 140 15.40 -0.57 2.78
N ALA C 141 15.26 -1.78 2.22
CA ALA C 141 14.93 -2.96 3.01
C ALA C 141 16.07 -3.45 3.89
N LYS C 142 17.27 -2.96 3.62
CA LYS C 142 18.44 -3.36 4.41
C LYS C 142 18.41 -2.76 5.80
N PRO C 143 18.74 -3.56 6.82
CA PRO C 143 18.74 -3.04 8.18
C PRO C 143 19.84 -1.98 8.28
N GLY C 144 19.50 -0.82 8.83
CA GLY C 144 20.48 0.24 8.96
C GLY C 144 20.40 1.30 7.88
N PHE C 145 19.41 1.20 6.99
CA PHE C 145 19.27 2.19 5.93
C PHE C 145 19.01 3.55 6.56
N ASP C 146 19.74 4.56 6.11
CA ASP C 146 19.61 5.91 6.64
C ASP C 146 19.34 6.93 5.53
N LEU C 147 18.21 7.60 5.62
CA LEU C 147 17.82 8.60 4.64
C LEU C 147 18.81 9.77 4.63
N ASN C 148 19.41 10.04 5.78
CA ASN C 148 20.35 11.16 5.88
C ASN C 148 21.55 11.02 4.94
N GLY C 149 21.84 9.81 4.50
CA GLY C 149 22.96 9.61 3.58
C GLY C 149 22.68 10.28 2.25
N LEU C 150 21.43 10.20 1.80
CA LEU C 150 21.02 10.81 0.55
C LEU C 150 20.97 12.33 0.69
N LEU C 151 20.59 12.80 1.87
CA LEU C 151 20.52 14.24 2.11
C LEU C 151 21.92 14.85 2.11
N ALA C 152 22.86 14.17 2.74
CA ALA C 152 24.24 14.66 2.80
C ALA C 152 24.82 14.74 1.38
N ALA C 153 24.50 13.74 0.56
CA ALA C 153 24.98 13.71 -0.81
C ALA C 153 24.38 14.85 -1.61
N GLY C 154 23.08 15.10 -1.42
CA GLY C 154 22.43 16.18 -2.14
C GLY C 154 23.07 17.52 -1.80
N GLU C 155 23.35 17.73 -0.52
CA GLU C 155 23.97 18.98 -0.08
C GLU C 155 25.36 19.17 -0.68
N LYS C 156 26.17 18.12 -0.66
CA LYS C 156 27.52 18.19 -1.20
C LYS C 156 27.58 18.31 -2.71
N ALA C 157 26.59 17.75 -3.39
CA ALA C 157 26.54 17.78 -4.85
C ALA C 157 26.45 19.17 -5.46
N ARG C 158 25.72 20.06 -4.81
CA ARG C 158 25.54 21.42 -5.33
C ARG C 158 24.97 21.33 -6.75
N VAL C 159 23.95 20.49 -6.87
CA VAL C 159 23.24 20.25 -8.11
C VAL C 159 21.76 20.12 -7.72
N PRO C 160 20.84 20.73 -8.50
CA PRO C 160 19.43 20.60 -8.13
C PRO C 160 19.12 19.12 -7.95
N PHE C 161 18.45 18.76 -6.86
CA PHE C 161 18.19 17.35 -6.63
C PHE C 161 16.86 17.02 -6.00
N SER C 162 16.43 15.78 -6.20
CA SER C 162 15.21 15.28 -5.61
C SER C 162 15.66 14.15 -4.67
N VAL C 163 14.81 13.80 -3.72
CA VAL C 163 15.14 12.74 -2.77
C VAL C 163 14.07 11.67 -2.80
N ALA C 164 14.50 10.42 -2.95
CA ALA C 164 13.60 9.28 -2.97
C ALA C 164 14.24 8.19 -2.13
N GLY C 165 13.59 7.81 -1.04
CA GLY C 165 14.12 6.78 -0.17
C GLY C 165 13.24 6.53 1.03
N GLY C 166 11.95 6.27 0.75
CA GLY C 166 11.01 6.00 1.82
C GLY C 166 10.60 7.24 2.58
N VAL C 167 10.53 8.38 1.89
CA VAL C 167 10.15 9.63 2.53
C VAL C 167 8.73 9.55 3.09
N LYS C 168 8.54 10.12 4.27
CA LYS C 168 7.24 10.15 4.93
C LYS C 168 7.04 11.54 5.52
N VAL C 169 5.83 11.82 6.02
CA VAL C 169 5.54 13.13 6.59
C VAL C 169 6.60 13.54 7.62
N ALA C 170 7.05 12.57 8.41
CA ALA C 170 8.04 12.83 9.44
C ALA C 170 9.37 13.33 8.91
N THR C 171 9.75 12.88 7.71
CA THR C 171 11.03 13.28 7.12
C THR C 171 10.96 14.36 6.04
N ILE C 172 9.75 14.83 5.73
CA ILE C 172 9.59 15.88 4.73
C ILE C 172 10.42 17.12 5.11
N PRO C 173 10.33 17.56 6.37
CA PRO C 173 11.10 18.73 6.78
C PRO C 173 12.62 18.58 6.57
N ALA C 174 13.15 17.41 6.91
CA ALA C 174 14.57 17.15 6.76
C ALA C 174 14.97 17.21 5.28
N VAL C 175 14.14 16.63 4.42
CA VAL C 175 14.41 16.64 2.99
C VAL C 175 14.41 18.07 2.44
N GLN C 176 13.42 18.86 2.85
CA GLN C 176 13.34 20.24 2.39
C GLN C 176 14.48 21.10 2.94
N LYS C 177 14.81 20.90 4.22
CA LYS C 177 15.89 21.68 4.83
C LYS C 177 17.25 21.37 4.21
N ALA C 178 17.38 20.20 3.58
CA ALA C 178 18.63 19.81 2.94
C ALA C 178 18.76 20.52 1.59
N GLY C 179 17.70 21.21 1.20
CA GLY C 179 17.72 21.94 -0.07
C GLY C 179 17.17 21.20 -1.27
N ALA C 180 16.44 20.11 -1.03
CA ALA C 180 15.87 19.34 -2.13
C ALA C 180 14.86 20.17 -2.93
N GLU C 181 14.91 20.01 -4.25
CA GLU C 181 13.99 20.71 -5.15
C GLU C 181 12.68 19.93 -5.19
N VAL C 182 12.79 18.63 -4.98
CA VAL C 182 11.63 17.73 -5.02
C VAL C 182 11.75 16.63 -3.97
N ALA C 183 10.63 16.34 -3.32
CA ALA C 183 10.57 15.27 -2.34
C ALA C 183 9.68 14.22 -3.01
N VAL C 184 10.19 12.99 -3.13
CA VAL C 184 9.43 11.90 -3.74
C VAL C 184 8.80 11.02 -2.67
N ALA C 185 7.52 10.71 -2.84
CA ALA C 185 6.81 9.85 -1.90
C ALA C 185 6.19 8.70 -2.68
N GLY C 186 6.55 7.48 -2.32
CA GLY C 186 6.00 6.31 -2.99
C GLY C 186 5.08 5.53 -2.08
N GLY C 187 5.65 4.60 -1.32
CA GLY C 187 4.85 3.79 -0.41
C GLY C 187 4.00 4.59 0.55
N ALA C 188 4.50 5.73 1.01
CA ALA C 188 3.77 6.57 1.94
C ALA C 188 2.42 6.99 1.36
N ILE C 189 2.33 7.00 0.03
CA ILE C 189 1.08 7.37 -0.63
C ILE C 189 0.30 6.18 -1.16
N TYR C 190 0.89 5.39 -2.05
CA TYR C 190 0.15 4.26 -2.61
C TYR C 190 -0.09 3.11 -1.63
N GLY C 191 0.67 3.07 -0.54
CA GLY C 191 0.52 2.01 0.44
C GLY C 191 -0.39 2.40 1.61
N ALA C 192 -0.97 3.59 1.55
CA ALA C 192 -1.85 4.05 2.62
C ALA C 192 -3.31 3.67 2.39
N ALA C 193 -4.08 3.61 3.47
CA ALA C 193 -5.50 3.27 3.36
C ALA C 193 -6.21 4.39 2.60
N ASP C 194 -5.80 5.63 2.85
CA ASP C 194 -6.38 6.80 2.21
C ASP C 194 -5.27 7.56 1.48
N PRO C 195 -4.92 7.14 0.25
CA PRO C 195 -3.87 7.81 -0.51
C PRO C 195 -4.07 9.32 -0.65
N ALA C 196 -5.31 9.74 -0.82
CA ALA C 196 -5.62 11.16 -0.96
C ALA C 196 -5.22 11.91 0.30
N ALA C 197 -5.61 11.38 1.45
CA ALA C 197 -5.29 12.00 2.73
C ALA C 197 -3.78 11.97 2.97
N ALA C 198 -3.15 10.87 2.58
CA ALA C 198 -1.70 10.71 2.76
C ALA C 198 -0.94 11.75 1.96
N ALA C 199 -1.39 11.99 0.73
CA ALA C 199 -0.74 12.98 -0.13
C ALA C 199 -0.99 14.39 0.41
N LYS C 200 -2.21 14.65 0.87
CA LYS C 200 -2.55 15.96 1.43
C LYS C 200 -1.70 16.27 2.65
N GLU C 201 -1.45 15.23 3.46
CA GLU C 201 -0.65 15.36 4.67
C GLU C 201 0.81 15.68 4.36
N LEU C 202 1.36 15.00 3.36
CA LEU C 202 2.74 15.23 2.95
C LEU C 202 2.86 16.66 2.43
N ARG C 203 1.86 17.08 1.68
CA ARG C 203 1.82 18.43 1.13
C ARG C 203 1.80 19.48 2.25
N ALA C 204 1.00 19.24 3.27
CA ALA C 204 0.90 20.18 4.39
C ALA C 204 2.21 20.35 5.15
N ALA C 205 3.04 19.30 5.17
CA ALA C 205 4.31 19.34 5.87
C ALA C 205 5.37 20.17 5.13
N ILE C 206 5.11 20.49 3.88
CA ILE C 206 6.05 21.28 3.09
C ILE C 206 5.94 22.77 3.48
N ALA C 207 7.08 23.40 3.68
CA ALA C 207 7.12 24.82 4.03
C ALA C 207 6.89 25.68 2.79
N MET D 1 28.12 -23.65 -28.60
CA MET D 1 27.66 -22.25 -28.38
C MET D 1 26.28 -22.03 -29.00
N LYS D 2 25.39 -21.38 -28.26
CA LYS D 2 24.04 -21.12 -28.75
C LYS D 2 23.96 -19.76 -29.43
N LEU D 3 22.90 -19.54 -30.19
CA LEU D 3 22.69 -18.27 -30.88
C LEU D 3 21.45 -17.58 -30.34
N GLN D 4 21.61 -16.31 -29.98
CA GLN D 4 20.51 -15.53 -29.43
C GLN D 4 20.25 -14.31 -30.31
N VAL D 5 18.98 -14.05 -30.62
CA VAL D 5 18.66 -12.87 -31.41
C VAL D 5 18.09 -11.81 -30.47
N ALA D 6 18.67 -10.62 -30.52
CA ALA D 6 18.21 -9.52 -29.68
C ALA D 6 17.23 -8.70 -30.50
N ILE D 7 15.94 -8.88 -30.24
CA ILE D 7 14.91 -8.14 -30.98
C ILE D 7 14.70 -6.81 -30.28
N ASP D 8 15.23 -5.77 -30.88
CA ASP D 8 15.12 -4.45 -30.25
C ASP D 8 14.18 -3.56 -31.06
N LEU D 9 13.46 -4.19 -32.00
CA LEU D 9 12.44 -3.49 -32.79
C LEU D 9 11.40 -3.03 -31.77
N LEU D 10 10.85 -1.84 -31.97
CA LEU D 10 9.91 -1.25 -31.02
C LEU D 10 8.43 -1.59 -30.99
N SER D 11 7.96 -2.44 -31.89
CA SER D 11 6.54 -2.79 -31.87
C SER D 11 6.37 -4.29 -31.79
N THR D 12 5.28 -4.72 -31.17
CA THR D 12 4.99 -6.14 -31.03
C THR D 12 4.80 -6.77 -32.41
N GLU D 13 4.13 -6.05 -33.31
CA GLU D 13 3.90 -6.55 -34.66
C GLU D 13 5.23 -6.82 -35.35
N ALA D 14 6.12 -5.85 -35.31
CA ALA D 14 7.43 -5.99 -35.95
C ALA D 14 8.24 -7.11 -35.29
N ALA D 15 8.14 -7.21 -33.96
CA ALA D 15 8.89 -8.23 -33.23
C ALA D 15 8.40 -9.64 -33.57
N LEU D 16 7.09 -9.82 -33.66
CA LEU D 16 6.53 -11.12 -33.99
C LEU D 16 6.91 -11.53 -35.41
N GLU D 17 6.85 -10.58 -36.34
CA GLU D 17 7.18 -10.86 -37.73
C GLU D 17 8.63 -11.32 -37.82
N LEU D 18 9.53 -10.58 -37.18
CA LEU D 18 10.95 -10.92 -37.19
C LEU D 18 11.18 -12.30 -36.59
N ALA D 19 10.58 -12.53 -35.42
CA ALA D 19 10.72 -13.78 -34.70
C ALA D 19 10.30 -14.95 -35.59
N GLY D 20 9.22 -14.77 -36.35
CA GLY D 20 8.75 -15.83 -37.22
C GLY D 20 9.76 -16.18 -38.31
N LYS D 21 10.49 -15.18 -38.77
CA LYS D 21 11.48 -15.38 -39.83
C LYS D 21 12.83 -15.96 -39.38
N VAL D 22 13.20 -15.76 -38.12
CA VAL D 22 14.50 -16.24 -37.65
C VAL D 22 14.50 -17.31 -36.57
N ALA D 23 13.34 -17.58 -35.99
CA ALA D 23 13.23 -18.56 -34.92
C ALA D 23 13.93 -19.89 -35.18
N GLU D 24 13.79 -20.41 -36.40
CA GLU D 24 14.39 -21.69 -36.76
C GLU D 24 15.91 -21.71 -36.64
N TYR D 25 16.55 -20.55 -36.69
CA TYR D 25 18.00 -20.48 -36.61
C TYR D 25 18.58 -20.13 -35.25
N VAL D 26 17.72 -19.77 -34.30
CA VAL D 26 18.21 -19.38 -32.98
C VAL D 26 17.74 -20.29 -31.86
N ASP D 27 18.45 -20.24 -30.74
CA ASP D 27 18.12 -21.01 -29.55
C ASP D 27 17.36 -20.13 -28.57
N ILE D 28 17.68 -18.84 -28.59
CA ILE D 28 17.09 -17.87 -27.68
C ILE D 28 16.54 -16.64 -28.40
N ILE D 29 15.32 -16.24 -28.03
CA ILE D 29 14.72 -15.04 -28.60
C ILE D 29 14.65 -14.01 -27.49
N GLU D 30 15.41 -12.94 -27.65
CA GLU D 30 15.44 -11.88 -26.65
C GLU D 30 14.52 -10.73 -27.04
N LEU D 31 13.78 -10.23 -26.07
CA LEU D 31 12.90 -9.07 -26.28
C LEU D 31 13.70 -7.96 -25.63
N GLY D 32 14.22 -7.05 -26.45
CA GLY D 32 15.04 -5.95 -25.97
C GLY D 32 14.39 -4.99 -24.99
N THR D 33 15.23 -4.30 -24.23
CA THR D 33 14.77 -3.35 -23.23
C THR D 33 13.83 -2.27 -23.77
N PRO D 34 14.19 -1.62 -24.89
CA PRO D 34 13.29 -0.58 -25.39
C PRO D 34 11.95 -1.16 -25.86
N LEU D 35 11.97 -2.39 -26.35
CA LEU D 35 10.74 -3.03 -26.82
C LEU D 35 9.81 -3.29 -25.63
N ILE D 36 10.37 -3.78 -24.53
CA ILE D 36 9.58 -4.05 -23.34
C ILE D 36 8.99 -2.75 -22.80
N LYS D 37 9.78 -1.68 -22.80
CA LYS D 37 9.28 -0.41 -22.32
C LYS D 37 8.25 0.19 -23.26
N ALA D 38 8.39 -0.09 -24.55
CA ALA D 38 7.44 0.44 -25.53
C ALA D 38 6.09 -0.26 -25.48
N GLU D 39 6.11 -1.59 -25.46
CA GLU D 39 4.90 -2.39 -25.48
C GLU D 39 4.45 -3.00 -24.15
N GLY D 40 5.37 -3.19 -23.22
CA GLY D 40 5.00 -3.80 -21.96
C GLY D 40 5.23 -5.29 -22.04
N LEU D 41 4.99 -6.00 -20.93
CA LEU D 41 5.20 -7.44 -20.88
C LEU D 41 4.38 -8.26 -21.87
N SER D 42 3.31 -7.69 -22.39
CA SER D 42 2.47 -8.42 -23.33
C SER D 42 3.27 -8.94 -24.53
N VAL D 43 4.35 -8.23 -24.89
CA VAL D 43 5.14 -8.67 -26.03
C VAL D 43 5.87 -9.98 -25.70
N ILE D 44 6.24 -10.15 -24.44
CA ILE D 44 6.92 -11.37 -24.01
C ILE D 44 5.95 -12.55 -24.14
N THR D 45 4.72 -12.33 -23.70
CA THR D 45 3.68 -13.35 -23.75
C THR D 45 3.37 -13.75 -25.19
N ALA D 46 3.28 -12.76 -26.07
CA ALA D 46 2.99 -13.02 -27.47
C ALA D 46 4.09 -13.85 -28.13
N VAL D 47 5.34 -13.52 -27.84
CA VAL D 47 6.46 -14.26 -28.41
C VAL D 47 6.52 -15.70 -27.90
N LYS D 48 6.33 -15.89 -26.60
CA LYS D 48 6.36 -17.24 -26.05
C LYS D 48 5.20 -18.06 -26.60
N LYS D 49 4.03 -17.42 -26.77
CA LYS D 49 2.86 -18.12 -27.30
C LYS D 49 3.13 -18.62 -28.72
N ALA D 50 3.79 -17.80 -29.51
CA ALA D 50 4.10 -18.15 -30.89
C ALA D 50 5.32 -19.07 -30.99
N HIS D 51 6.17 -19.03 -29.97
CA HIS D 51 7.39 -19.84 -29.98
C HIS D 51 7.63 -20.58 -28.66
N PRO D 52 6.76 -21.55 -28.35
CA PRO D 52 6.89 -22.32 -27.10
C PRO D 52 8.16 -23.16 -27.09
N ASP D 53 8.74 -23.36 -28.26
CA ASP D 53 9.94 -24.18 -28.40
C ASP D 53 11.22 -23.36 -28.42
N LYS D 54 11.14 -22.12 -27.93
CA LYS D 54 12.31 -21.25 -27.87
C LYS D 54 12.43 -20.64 -26.49
N ILE D 55 13.67 -20.48 -26.02
CA ILE D 55 13.95 -19.87 -24.73
C ILE D 55 13.68 -18.38 -24.93
N VAL D 56 12.77 -17.82 -24.13
CA VAL D 56 12.45 -16.40 -24.26
C VAL D 56 13.20 -15.61 -23.19
N PHE D 57 14.00 -14.66 -23.66
CA PHE D 57 14.87 -13.83 -22.84
C PHE D 57 14.30 -12.41 -22.72
N ALA D 58 13.89 -12.02 -21.52
CA ALA D 58 13.35 -10.68 -21.29
C ALA D 58 14.46 -9.76 -20.79
N ASP D 59 14.85 -8.80 -21.63
CA ASP D 59 15.92 -7.88 -21.27
C ASP D 59 15.36 -6.75 -20.41
N MET D 60 15.00 -7.09 -19.18
CA MET D 60 14.46 -6.11 -18.24
C MET D 60 15.52 -5.09 -17.78
N LYS D 61 16.78 -5.51 -17.71
CA LYS D 61 17.86 -4.65 -17.22
C LYS D 61 17.43 -4.07 -15.87
N THR D 62 16.93 -4.95 -15.01
CA THR D 62 16.46 -4.55 -13.69
C THR D 62 17.54 -3.85 -12.87
N MET D 63 17.17 -2.74 -12.24
CA MET D 63 18.09 -1.96 -11.41
C MET D 63 17.64 -1.94 -9.96
N ASP D 64 16.38 -2.28 -9.71
CA ASP D 64 15.84 -2.31 -8.36
C ASP D 64 14.61 -3.20 -8.32
N ALA D 65 14.25 -3.66 -7.13
CA ALA D 65 13.11 -4.55 -6.95
C ALA D 65 13.34 -5.80 -7.78
N GLY D 66 14.48 -6.45 -7.54
CA GLY D 66 14.85 -7.64 -8.29
C GLY D 66 13.81 -8.74 -8.33
N GLU D 67 13.25 -9.08 -7.17
CA GLU D 67 12.26 -10.14 -7.11
C GLU D 67 10.99 -9.77 -7.89
N LEU D 68 10.52 -8.55 -7.72
CA LEU D 68 9.31 -8.09 -8.42
C LEU D 68 9.45 -8.13 -9.94
N GLU D 69 10.49 -7.49 -10.45
CA GLU D 69 10.68 -7.45 -11.90
C GLU D 69 10.90 -8.84 -12.50
N ALA D 70 11.64 -9.69 -11.78
CA ALA D 70 11.88 -11.05 -12.27
C ALA D 70 10.55 -11.79 -12.27
N ASP D 71 9.79 -11.67 -11.18
CA ASP D 71 8.50 -12.35 -11.08
C ASP D 71 7.52 -11.99 -12.20
N ILE D 72 7.36 -10.69 -12.47
CA ILE D 72 6.42 -10.32 -13.52
C ILE D 72 6.87 -10.74 -14.92
N ALA D 73 8.18 -10.75 -15.15
CA ALA D 73 8.70 -11.17 -16.46
C ALA D 73 8.46 -12.67 -16.64
N PHE D 74 8.78 -13.44 -15.60
CA PHE D 74 8.60 -14.89 -15.66
C PHE D 74 7.13 -15.23 -15.85
N LYS D 75 6.25 -14.55 -15.13
CA LYS D 75 4.82 -14.80 -15.23
C LYS D 75 4.32 -14.48 -16.64
N ALA D 76 4.94 -13.50 -17.27
CA ALA D 76 4.56 -13.09 -18.63
C ALA D 76 5.01 -14.11 -19.67
N GLY D 77 5.86 -15.04 -19.25
CA GLY D 77 6.33 -16.07 -20.16
C GLY D 77 7.82 -16.13 -20.41
N ALA D 78 8.59 -15.24 -19.79
CA ALA D 78 10.04 -15.25 -19.99
C ALA D 78 10.70 -16.44 -19.29
N ASP D 79 11.76 -16.96 -19.90
CA ASP D 79 12.50 -18.07 -19.32
C ASP D 79 13.76 -17.55 -18.64
N LEU D 80 14.23 -16.40 -19.11
CA LEU D 80 15.43 -15.76 -18.57
C LEU D 80 15.15 -14.27 -18.46
N VAL D 81 15.75 -13.62 -17.47
CA VAL D 81 15.56 -12.18 -17.29
C VAL D 81 16.91 -11.56 -16.95
N THR D 82 17.11 -10.32 -17.38
CA THR D 82 18.37 -9.65 -17.08
C THR D 82 18.27 -8.65 -15.94
N VAL D 83 19.33 -8.61 -15.16
CA VAL D 83 19.46 -7.69 -14.04
C VAL D 83 20.79 -6.99 -14.33
N LEU D 84 20.87 -5.69 -14.09
CA LEU D 84 22.12 -4.98 -14.34
C LEU D 84 23.20 -5.34 -13.34
N GLY D 85 24.43 -5.49 -13.82
CA GLY D 85 25.54 -5.81 -12.95
C GLY D 85 25.80 -4.66 -11.98
N SER D 86 25.41 -3.46 -12.38
CA SER D 86 25.63 -2.29 -11.53
C SER D 86 24.55 -2.16 -10.46
N ALA D 87 23.58 -3.08 -10.46
CA ALA D 87 22.52 -3.06 -9.44
C ALA D 87 23.12 -3.56 -8.14
N ASP D 88 22.46 -3.28 -7.02
CA ASP D 88 22.94 -3.72 -5.72
C ASP D 88 22.90 -5.24 -5.66
N ASP D 89 23.82 -5.85 -4.90
CA ASP D 89 23.83 -7.31 -4.78
C ASP D 89 22.47 -7.84 -4.32
N SER D 90 21.78 -7.09 -3.47
CA SER D 90 20.48 -7.53 -2.96
C SER D 90 19.44 -7.60 -4.06
N THR D 91 19.55 -6.72 -5.06
CA THR D 91 18.61 -6.70 -6.17
C THR D 91 18.86 -7.94 -7.02
N ILE D 92 20.13 -8.25 -7.23
CA ILE D 92 20.50 -9.44 -8.01
C ILE D 92 20.03 -10.68 -7.27
N ALA D 93 20.24 -10.68 -5.94
CA ALA D 93 19.83 -11.82 -5.11
C ALA D 93 18.33 -12.01 -5.15
N GLY D 94 17.59 -10.90 -5.15
CA GLY D 94 16.14 -10.98 -5.20
C GLY D 94 15.68 -11.62 -6.50
N ALA D 95 16.35 -11.27 -7.60
CA ALA D 95 16.01 -11.82 -8.90
C ALA D 95 16.33 -13.30 -8.95
N VAL D 96 17.50 -13.67 -8.44
CA VAL D 96 17.92 -15.07 -8.42
C VAL D 96 16.95 -15.89 -7.58
N LYS D 97 16.48 -15.31 -6.49
CA LYS D 97 15.53 -15.98 -5.61
C LYS D 97 14.25 -16.29 -6.37
N ALA D 98 13.78 -15.30 -7.14
CA ALA D 98 12.57 -15.47 -7.94
C ALA D 98 12.79 -16.54 -8.99
N ALA D 99 13.98 -16.55 -9.60
CA ALA D 99 14.31 -17.52 -10.64
C ALA D 99 14.29 -18.94 -10.07
N GLN D 100 14.87 -19.12 -8.90
CA GLN D 100 14.91 -20.44 -8.27
C GLN D 100 13.49 -20.91 -7.98
N ALA D 101 12.64 -20.00 -7.52
CA ALA D 101 11.26 -20.33 -7.21
C ALA D 101 10.43 -20.68 -8.44
N HIS D 102 10.80 -20.15 -9.59
CA HIS D 102 10.06 -20.43 -10.82
C HIS D 102 10.79 -21.37 -11.77
N ASN D 103 11.88 -21.96 -11.28
CA ASN D 103 12.67 -22.89 -12.07
C ASN D 103 13.11 -22.25 -13.39
N LYS D 104 13.50 -20.99 -13.30
CA LYS D 104 13.97 -20.26 -14.47
C LYS D 104 15.33 -19.64 -14.14
N GLY D 105 15.77 -18.63 -14.88
CA GLY D 105 17.09 -18.09 -14.58
C GLY D 105 17.33 -16.61 -14.75
N VAL D 106 18.39 -16.14 -14.10
CA VAL D 106 18.79 -14.74 -14.17
C VAL D 106 20.10 -14.60 -14.92
N VAL D 107 20.16 -13.63 -15.82
CA VAL D 107 21.38 -13.33 -16.57
C VAL D 107 21.77 -11.94 -16.14
N VAL D 108 23.01 -11.76 -15.69
CA VAL D 108 23.45 -10.43 -15.27
C VAL D 108 24.15 -9.73 -16.42
N ASP D 109 23.57 -8.59 -16.83
CA ASP D 109 24.09 -7.79 -17.92
C ASP D 109 25.17 -6.86 -17.38
N LEU D 110 26.41 -7.07 -17.81
CA LEU D 110 27.54 -6.25 -17.33
C LEU D 110 27.77 -4.97 -18.11
N ILE D 111 26.79 -4.54 -18.89
CA ILE D 111 26.91 -3.32 -19.67
C ILE D 111 27.34 -2.15 -18.79
N GLY D 112 28.27 -1.35 -19.31
CA GLY D 112 28.74 -0.18 -18.58
C GLY D 112 29.73 -0.40 -17.45
N ILE D 113 30.06 -1.65 -17.17
CA ILE D 113 31.01 -1.94 -16.09
C ILE D 113 32.44 -1.90 -16.62
N GLU D 114 33.30 -1.18 -15.91
CA GLU D 114 34.70 -1.02 -16.32
C GLU D 114 35.51 -2.31 -16.18
N ASP D 115 35.39 -2.98 -15.05
CA ASP D 115 36.09 -4.23 -14.81
C ASP D 115 35.04 -5.34 -14.81
N LYS D 116 34.68 -5.79 -16.01
CA LYS D 116 33.67 -6.82 -16.17
C LYS D 116 34.04 -8.19 -15.60
N ALA D 117 35.31 -8.57 -15.72
CA ALA D 117 35.74 -9.87 -15.22
C ALA D 117 35.48 -10.02 -13.71
N THR D 118 35.87 -9.00 -12.95
CA THR D 118 35.68 -9.05 -11.49
C THR D 118 34.20 -9.09 -11.11
N ARG D 119 33.40 -8.21 -11.71
CA ARG D 119 31.98 -8.20 -11.39
C ARG D 119 31.32 -9.50 -11.85
N ALA D 120 31.79 -10.07 -12.95
CA ALA D 120 31.23 -11.33 -13.45
C ALA D 120 31.35 -12.40 -12.37
N GLN D 121 32.53 -12.49 -11.78
CA GLN D 121 32.77 -13.47 -10.73
C GLN D 121 31.89 -13.18 -9.52
N GLU D 122 31.77 -11.90 -9.17
CA GLU D 122 30.95 -11.54 -8.02
C GLU D 122 29.49 -11.92 -8.20
N VAL D 123 28.92 -11.63 -9.36
CA VAL D 123 27.50 -11.94 -9.59
C VAL D 123 27.23 -13.42 -9.85
N ARG D 124 28.24 -14.15 -10.32
CA ARG D 124 28.06 -15.58 -10.56
C ARG D 124 27.93 -16.20 -9.15
N ALA D 125 28.63 -15.61 -8.20
CA ALA D 125 28.60 -16.08 -6.81
C ALA D 125 27.29 -15.70 -6.15
N LEU D 126 26.46 -14.93 -6.84
CA LEU D 126 25.16 -14.55 -6.31
C LEU D 126 24.08 -15.42 -6.95
N GLY D 127 24.48 -16.31 -7.85
CA GLY D 127 23.53 -17.20 -8.48
C GLY D 127 23.14 -16.95 -9.93
N ALA D 128 23.80 -16.03 -10.61
CA ALA D 128 23.48 -15.77 -12.02
C ALA D 128 23.78 -17.02 -12.85
N LYS D 129 22.88 -17.38 -13.77
CA LYS D 129 23.10 -18.55 -14.62
C LYS D 129 24.31 -18.26 -15.49
N PHE D 130 24.37 -17.05 -16.02
CA PHE D 130 25.52 -16.61 -16.80
C PHE D 130 25.50 -15.10 -16.88
N VAL D 131 26.61 -14.53 -17.34
CA VAL D 131 26.70 -13.08 -17.45
C VAL D 131 26.84 -12.69 -18.89
N GLU D 132 26.39 -11.49 -19.22
CA GLU D 132 26.48 -11.01 -20.58
C GLU D 132 27.54 -9.93 -20.71
N MET D 133 28.61 -10.26 -21.42
CA MET D 133 29.68 -9.30 -21.68
C MET D 133 29.05 -8.48 -22.78
N HIS D 134 28.48 -7.35 -22.37
CA HIS D 134 27.71 -6.47 -23.25
C HIS D 134 28.24 -5.05 -23.41
N ALA D 135 28.28 -4.61 -24.67
CA ALA D 135 28.68 -3.25 -25.01
C ALA D 135 27.41 -2.71 -25.65
N GLY D 136 26.87 -1.65 -25.07
CA GLY D 136 25.65 -1.06 -25.59
C GLY D 136 25.78 -0.36 -26.94
N LEU D 137 24.64 0.09 -27.46
CA LEU D 137 24.62 0.78 -28.74
C LEU D 137 25.36 2.11 -28.67
N ASP D 138 25.19 2.84 -27.57
CA ASP D 138 25.89 4.12 -27.44
C ASP D 138 27.39 3.90 -27.39
N GLU D 139 27.82 2.88 -26.67
CA GLU D 139 29.24 2.57 -26.56
C GLU D 139 29.82 2.15 -27.91
N GLN D 140 29.08 1.34 -28.65
CA GLN D 140 29.55 0.88 -29.95
C GLN D 140 29.68 2.00 -30.96
N ALA D 141 28.86 3.05 -30.79
CA ALA D 141 28.85 4.19 -31.70
C ALA D 141 30.11 5.04 -31.65
N LYS D 142 30.96 4.79 -30.67
CA LYS D 142 32.20 5.54 -30.55
C LYS D 142 33.27 4.95 -31.46
N PRO D 143 34.05 5.81 -32.13
CA PRO D 143 35.09 5.27 -33.01
C PRO D 143 36.15 4.55 -32.17
N GLY D 144 36.64 3.42 -32.67
CA GLY D 144 37.64 2.68 -31.94
C GLY D 144 37.09 1.53 -31.12
N PHE D 145 35.76 1.45 -31.01
CA PHE D 145 35.13 0.37 -30.24
C PHE D 145 35.74 -0.96 -30.67
N ASP D 146 36.08 -1.79 -29.69
CA ASP D 146 36.70 -3.08 -29.96
C ASP D 146 36.00 -4.24 -29.24
N LEU D 147 35.47 -5.18 -30.01
CA LEU D 147 34.78 -6.34 -29.47
C LEU D 147 35.67 -7.23 -28.61
N ASN D 148 36.97 -7.25 -28.91
CA ASN D 148 37.91 -8.08 -28.17
C ASN D 148 38.02 -7.75 -26.68
N GLY D 149 37.57 -6.55 -26.30
CA GLY D 149 37.61 -6.18 -24.89
C GLY D 149 36.63 -7.03 -24.10
N LEU D 150 35.49 -7.32 -24.71
CA LEU D 150 34.46 -8.13 -24.07
C LEU D 150 34.91 -9.59 -24.03
N LEU D 151 35.58 -10.03 -25.08
CA LEU D 151 36.04 -11.41 -25.15
C LEU D 151 37.13 -11.67 -24.11
N ALA D 152 38.02 -10.69 -23.93
CA ALA D 152 39.10 -10.82 -22.96
C ALA D 152 38.53 -10.95 -21.55
N ALA D 153 37.51 -10.14 -21.25
CA ALA D 153 36.88 -10.18 -19.95
C ALA D 153 36.21 -11.53 -19.71
N GLY D 154 35.52 -12.02 -20.72
CA GLY D 154 34.85 -13.31 -20.59
C GLY D 154 35.84 -14.44 -20.37
N GLU D 155 36.96 -14.39 -21.09
CA GLU D 155 37.99 -15.42 -20.94
C GLU D 155 38.62 -15.38 -19.55
N LYS D 156 38.82 -14.17 -19.03
CA LYS D 156 39.43 -13.99 -17.72
C LYS D 156 38.55 -14.41 -16.55
N ALA D 157 37.27 -14.00 -16.58
CA ALA D 157 36.33 -14.29 -15.51
C ALA D 157 36.16 -15.78 -15.23
N ARG D 158 36.19 -16.60 -16.28
CA ARG D 158 36.04 -18.04 -16.14
C ARG D 158 34.67 -18.44 -15.58
N VAL D 159 33.63 -17.73 -15.98
CA VAL D 159 32.28 -18.05 -15.56
C VAL D 159 31.43 -18.11 -16.83
N PRO D 160 30.29 -18.81 -16.79
CA PRO D 160 29.45 -18.90 -18.00
C PRO D 160 29.12 -17.50 -18.50
N PHE D 161 29.36 -17.23 -19.79
CA PHE D 161 29.08 -15.91 -20.32
C PHE D 161 28.58 -15.90 -21.76
N SER D 162 27.93 -14.80 -22.10
CA SER D 162 27.43 -14.58 -23.45
C SER D 162 28.09 -13.29 -23.91
N VAL D 163 28.05 -13.03 -25.21
CA VAL D 163 28.65 -11.82 -25.75
C VAL D 163 27.66 -11.08 -26.63
N ALA D 164 27.53 -9.78 -26.39
CA ALA D 164 26.64 -8.92 -27.18
C ALA D 164 27.36 -7.61 -27.40
N GLY D 165 27.55 -7.24 -28.66
CA GLY D 165 28.24 -5.99 -28.95
C GLY D 165 28.71 -5.92 -30.39
N GLY D 166 27.76 -5.84 -31.32
CA GLY D 166 28.11 -5.75 -32.72
C GLY D 166 28.55 -7.06 -33.34
N VAL D 167 28.15 -8.18 -32.74
CA VAL D 167 28.53 -9.50 -33.25
C VAL D 167 27.98 -9.70 -34.66
N LYS D 168 28.83 -10.22 -35.54
CA LYS D 168 28.46 -10.46 -36.93
C LYS D 168 29.08 -11.77 -37.38
N VAL D 169 28.72 -12.23 -38.58
CA VAL D 169 29.25 -13.47 -39.11
C VAL D 169 30.77 -13.56 -38.97
N ALA D 170 31.44 -12.46 -39.29
CA ALA D 170 32.89 -12.40 -39.23
C ALA D 170 33.48 -12.62 -37.84
N THR D 171 32.76 -12.19 -36.81
CA THR D 171 33.27 -12.32 -35.45
C THR D 171 32.72 -13.52 -34.66
N ILE D 172 31.83 -14.30 -35.26
CA ILE D 172 31.28 -15.46 -34.56
C ILE D 172 32.40 -16.42 -34.12
N PRO D 173 33.38 -16.68 -35.01
CA PRO D 173 34.47 -17.58 -34.64
C PRO D 173 35.24 -17.12 -33.40
N ALA D 174 35.53 -15.81 -33.33
CA ALA D 174 36.25 -15.24 -32.20
C ALA D 174 35.44 -15.32 -30.91
N VAL D 175 34.13 -15.10 -31.02
CA VAL D 175 33.26 -15.15 -29.86
C VAL D 175 33.23 -16.58 -29.31
N GLN D 176 33.12 -17.54 -30.23
CA GLN D 176 33.08 -18.93 -29.81
C GLN D 176 34.43 -19.40 -29.27
N LYS D 177 35.52 -18.92 -29.85
CA LYS D 177 36.85 -19.30 -29.40
C LYS D 177 37.12 -18.80 -27.97
N ALA D 178 36.53 -17.65 -27.65
CA ALA D 178 36.70 -17.07 -26.32
C ALA D 178 36.02 -17.91 -25.25
N GLY D 179 35.17 -18.84 -25.68
CA GLY D 179 34.48 -19.70 -24.74
C GLY D 179 33.06 -19.29 -24.38
N ALA D 180 32.49 -18.37 -25.14
CA ALA D 180 31.13 -17.91 -24.90
C ALA D 180 30.13 -19.04 -25.05
N GLU D 181 29.16 -19.12 -24.15
CA GLU D 181 28.14 -20.16 -24.23
C GLU D 181 27.00 -19.69 -25.13
N VAL D 182 26.92 -18.38 -25.35
CA VAL D 182 25.91 -17.81 -26.21
C VAL D 182 26.47 -16.60 -26.95
N ALA D 183 26.11 -16.48 -28.22
CA ALA D 183 26.52 -15.35 -29.03
C ALA D 183 25.22 -14.60 -29.33
N VAL D 184 25.20 -13.31 -29.01
CA VAL D 184 24.01 -12.50 -29.24
C VAL D 184 24.16 -11.64 -30.48
N ALA D 185 23.18 -11.72 -31.37
CA ALA D 185 23.19 -10.92 -32.59
C ALA D 185 21.95 -10.04 -32.62
N GLY D 186 22.16 -8.73 -32.72
CA GLY D 186 21.04 -7.81 -32.76
C GLY D 186 20.92 -7.15 -34.12
N GLY D 187 21.60 -6.02 -34.29
CA GLY D 187 21.55 -5.32 -35.55
C GLY D 187 21.89 -6.17 -36.76
N ALA D 188 22.80 -7.12 -36.60
CA ALA D 188 23.18 -7.99 -37.71
C ALA D 188 21.97 -8.72 -38.26
N ILE D 189 20.97 -8.95 -37.42
CA ILE D 189 19.76 -9.64 -37.84
C ILE D 189 18.59 -8.70 -38.15
N TYR D 190 18.16 -7.91 -37.18
CA TYR D 190 17.01 -7.03 -37.43
C TYR D 190 17.29 -5.80 -38.27
N GLY D 191 18.56 -5.48 -38.49
CA GLY D 191 18.92 -4.34 -39.31
C GLY D 191 19.06 -4.76 -40.77
N ALA D 192 19.00 -6.06 -41.02
CA ALA D 192 19.15 -6.59 -42.37
C ALA D 192 17.85 -6.53 -43.19
N ALA D 193 18.00 -6.27 -44.49
CA ALA D 193 16.84 -6.24 -45.37
C ALA D 193 16.21 -7.63 -45.38
N ASP D 194 17.06 -8.64 -45.21
CA ASP D 194 16.63 -10.04 -45.18
C ASP D 194 17.11 -10.69 -43.87
N PRO D 195 16.33 -10.54 -42.78
CA PRO D 195 16.69 -11.11 -41.48
C PRO D 195 16.87 -12.62 -41.46
N ALA D 196 16.01 -13.33 -42.21
CA ALA D 196 16.11 -14.78 -42.26
C ALA D 196 17.49 -15.19 -42.79
N ALA D 197 17.91 -14.57 -43.89
CA ALA D 197 19.20 -14.89 -44.48
C ALA D 197 20.34 -14.54 -43.52
N ALA D 198 20.20 -13.41 -42.83
CA ALA D 198 21.22 -12.96 -41.88
C ALA D 198 21.38 -13.96 -40.74
N ALA D 199 20.25 -14.42 -40.20
CA ALA D 199 20.27 -15.38 -39.10
C ALA D 199 20.85 -16.72 -39.56
N LYS D 200 20.45 -17.14 -40.76
CA LYS D 200 20.93 -18.38 -41.33
C LYS D 200 22.45 -18.39 -41.45
N GLU D 201 23.01 -17.28 -41.91
CA GLU D 201 24.45 -17.15 -42.06
C GLU D 201 25.15 -17.19 -40.71
N LEU D 202 24.55 -16.53 -39.72
CA LEU D 202 25.12 -16.53 -38.38
C LEU D 202 25.14 -17.94 -37.81
N ARG D 203 24.05 -18.68 -38.00
CA ARG D 203 23.97 -20.05 -37.51
C ARG D 203 25.05 -20.93 -38.16
N ALA D 204 25.22 -20.79 -39.47
CA ALA D 204 26.21 -21.57 -40.18
C ALA D 204 27.63 -21.28 -39.72
N ALA D 205 27.86 -20.07 -39.21
CA ALA D 205 29.18 -19.66 -38.74
C ALA D 205 29.60 -20.36 -37.45
N ILE D 206 28.62 -20.88 -36.72
CA ILE D 206 28.88 -21.56 -35.46
C ILE D 206 29.42 -22.97 -35.66
N ALA D 207 30.53 -23.27 -35.01
CA ALA D 207 31.18 -24.57 -35.10
C ALA D 207 30.47 -25.60 -34.22
#